data_3HG3
#
_entry.id   3HG3
#
_cell.length_a   59.548
_cell.length_b   106.106
_cell.length_c   181.721
_cell.angle_alpha   90.000
_cell.angle_beta   90.000
_cell.angle_gamma   90.000
#
_symmetry.space_group_name_H-M   'P 21 21 21'
#
loop_
_entity.id
_entity.type
_entity.pdbx_description
1 polymer 'Alpha-galactosidase A'
2 branched alpha-D-mannopyranose-(1-3)-beta-D-mannopyranose-(1-4)-2-acetamido-2-deoxy-beta-D-glucopyranose-(1-4)-2-acetamido-2-deoxy-beta-D-glucopyranose
3 branched 2-acetamido-2-deoxy-beta-D-glucopyranose-(1-4)-2-acetamido-2-deoxy-beta-D-glucopyranose
4 branched alpha-D-galactopyranose-(1-6)-alpha-D-glucopyranose
5 non-polymer 2-acetamido-2-deoxy-beta-D-glucopyranose
6 non-polymer 'NONAETHYLENE GLYCOL'
7 water water
#
_entity_poly.entity_id   1
_entity_poly.type   'polypeptide(L)'
_entity_poly.pdbx_seq_one_letter_code
;LDNGLARTPTMGWLHWERFMCNLDCQEEPDSCISEKLFMEMAELMVSEGWKDAGYEYLCIDDCWMAPQRDSEGRLQADPQ
RFPHGIRQLANYVHSKGLKLGIYADVGNKTCAGFPGSFGYYDIDAQTFADWGVDLLKFAGCYCDSLENLADGYKHMSLAL
NRTGRSIVYSCEWPLYMWPFQKPNYTEIRQYCNHWRNFADIDDSWKSIKSILDWTSFNQERIVDVAGPGGWNDPDMLVIG
NFGLSWNQQVTQMALWAIMAAPLFMSNDLRHISPQAKALLQDKDVIAINQDPLGKQGYQLRQGDNFEVWERPLSGLAWAV
AMINRQEIGGPRSYTIAVASLGKGVACNPACFITQLLPVKRKLGFYEWTSRLRSHINPTGTVLLQLENTMQMSLKDLLHH
HHHH
;
_entity_poly.pdbx_strand_id   A,B
#
loop_
_chem_comp.id
_chem_comp.type
_chem_comp.name
_chem_comp.formula
2PE non-polymer 'NONAETHYLENE GLYCOL' 'C18 H38 O10'
BMA D-saccharide, beta linking beta-D-mannopyranose 'C6 H12 O6'
GLA D-saccharide, alpha linking alpha-D-galactopyranose 'C6 H12 O6'
GLC D-saccharide, alpha linking alpha-D-glucopyranose 'C6 H12 O6'
MAN D-saccharide, alpha linking alpha-D-mannopyranose 'C6 H12 O6'
NAG D-saccharide, beta linking 2-acetamido-2-deoxy-beta-D-glucopyranose 'C8 H15 N O6'
#
# COMPACT_ATOMS: atom_id res chain seq x y z
N LEU A 1 -10.88 -32.56 7.19
CA LEU A 1 -11.35 -33.30 8.39
C LEU A 1 -12.81 -33.69 8.23
N ASP A 2 -13.11 -34.97 8.41
CA ASP A 2 -14.44 -35.52 8.17
C ASP A 2 -15.37 -35.37 9.38
N ASN A 3 -15.57 -34.13 9.82
CA ASN A 3 -16.45 -33.83 10.95
C ASN A 3 -17.75 -33.14 10.52
N GLY A 4 -18.01 -33.13 9.22
CA GLY A 4 -19.21 -32.49 8.67
C GLY A 4 -19.17 -30.98 8.65
N LEU A 5 -18.04 -30.40 9.06
CA LEU A 5 -17.90 -28.94 9.10
C LEU A 5 -17.04 -28.42 7.95
N ALA A 6 -17.06 -27.10 7.76
CA ALA A 6 -16.30 -26.42 6.70
C ALA A 6 -16.50 -27.06 5.33
N ARG A 7 -17.75 -27.37 5.00
CA ARG A 7 -18.08 -27.92 3.68
C ARG A 7 -17.88 -26.85 2.60
N THR A 8 -17.97 -25.59 3.01
CA THR A 8 -17.47 -24.45 2.25
C THR A 8 -16.43 -23.77 3.18
N PRO A 9 -15.56 -22.91 2.64
CA PRO A 9 -14.60 -22.24 3.53
C PRO A 9 -15.28 -21.49 4.67
N THR A 10 -14.72 -21.61 5.87
CA THR A 10 -15.26 -20.97 7.06
C THR A 10 -15.19 -19.44 6.94
N MET A 11 -16.24 -18.77 7.37
CA MET A 11 -16.30 -17.30 7.34
C MET A 11 -16.55 -16.73 8.73
N GLY A 12 -15.80 -15.67 9.07
CA GLY A 12 -15.97 -15.02 10.35
C GLY A 12 -15.05 -13.84 10.57
N TRP A 13 -14.74 -13.60 11.84
CA TRP A 13 -13.92 -12.47 12.27
C TRP A 13 -12.95 -12.98 13.33
N LEU A 14 -11.72 -12.51 13.26
CA LEU A 14 -10.64 -12.94 14.16
C LEU A 14 -9.85 -11.70 14.57
N HIS A 15 -9.55 -11.57 15.86
CA HIS A 15 -9.02 -10.30 16.39
C HIS A 15 -7.56 -9.97 16.04
N TRP A 16 -6.78 -10.98 15.67
CA TRP A 16 -5.32 -10.86 15.74
C TRP A 16 -4.66 -9.70 14.97
N GLU A 17 -4.83 -9.66 13.65
CA GLU A 17 -4.10 -8.66 12.86
C GLU A 17 -4.38 -7.23 13.35
N ARG A 18 -5.64 -6.92 13.63
CA ARG A 18 -6.04 -5.56 14.00
C ARG A 18 -5.77 -5.23 15.48
N PHE A 19 -6.00 -6.18 16.37
CA PHE A 19 -5.92 -5.91 17.81
C PHE A 19 -4.73 -6.51 18.54
N MET A 20 -4.17 -7.59 17.97
CA MET A 20 -2.91 -8.20 18.45
C MET A 20 -2.99 -8.65 19.92
N CYS A 21 -1.94 -8.36 20.70
CA CYS A 21 -1.88 -8.74 22.11
C CYS A 21 -1.94 -7.53 23.06
N ASN A 22 -2.93 -6.68 22.84
CA ASN A 22 -3.10 -5.48 23.65
C ASN A 22 -3.73 -5.79 25.00
N LEU A 23 -2.94 -5.68 26.06
CA LEU A 23 -3.37 -6.03 27.41
C LEU A 23 -3.62 -4.79 28.28
N ASP A 24 -3.47 -3.61 27.69
CA ASP A 24 -3.59 -2.35 28.44
C ASP A 24 -5.02 -1.82 28.42
N CYS A 25 -5.89 -2.41 29.25
CA CYS A 25 -7.28 -1.96 29.31
C CYS A 25 -7.43 -0.66 30.09
N GLN A 26 -6.39 -0.30 30.86
CA GLN A 26 -6.36 0.94 31.62
C GLN A 26 -6.29 2.14 30.68
N GLU A 27 -5.32 2.13 29.77
CA GLU A 27 -5.09 3.24 28.85
C GLU A 27 -5.88 3.09 27.55
N GLU A 28 -6.15 1.85 27.15
CA GLU A 28 -6.86 1.59 25.90
C GLU A 28 -7.98 0.54 26.05
N PRO A 29 -9.06 0.90 26.79
CA PRO A 29 -10.15 -0.05 27.07
C PRO A 29 -10.95 -0.47 25.83
N ASP A 30 -10.92 0.36 24.79
N ASP A 30 -10.90 0.37 24.80
CA ASP A 30 -11.68 0.10 23.57
CA ASP A 30 -11.59 0.13 23.54
C ASP A 30 -10.92 -0.71 22.53
C ASP A 30 -10.90 -0.93 22.70
N SER A 31 -9.67 -1.07 22.84
N SER A 31 -9.58 -0.99 22.78
CA SER A 31 -8.87 -1.87 21.91
CA SER A 31 -8.79 -1.84 21.89
C SER A 31 -8.12 -3.03 22.57
C SER A 31 -8.10 -3.03 22.57
N CYS A 32 -8.20 -3.12 23.89
CA CYS A 32 -7.56 -4.24 24.62
C CYS A 32 -8.32 -5.54 24.40
N ILE A 33 -7.64 -6.66 24.57
CA ILE A 33 -8.26 -7.96 24.35
C ILE A 33 -9.13 -8.27 25.57
N SER A 34 -10.44 -8.06 25.42
CA SER A 34 -11.37 -8.19 26.52
C SER A 34 -12.71 -8.72 26.06
N GLU A 35 -13.51 -9.23 27.00
CA GLU A 35 -14.84 -9.74 26.68
C GLU A 35 -15.72 -8.68 26.01
N LYS A 36 -15.57 -7.43 26.45
CA LYS A 36 -16.30 -6.30 25.89
C LYS A 36 -16.03 -6.14 24.38
N LEU A 37 -14.77 -6.27 23.98
CA LEU A 37 -14.40 -6.18 22.57
C LEU A 37 -15.19 -7.19 21.73
N PHE A 38 -15.25 -8.44 22.20
CA PHE A 38 -15.92 -9.51 21.46
C PHE A 38 -17.44 -9.38 21.46
N MET A 39 -18.01 -8.94 22.59
CA MET A 39 -19.45 -8.70 22.67
C MET A 39 -19.88 -7.61 21.69
N GLU A 40 -19.08 -6.55 21.58
CA GLU A 40 -19.34 -5.48 20.63
C GLU A 40 -19.27 -5.95 19.17
N MET A 41 -18.26 -6.75 18.85
CA MET A 41 -18.12 -7.30 17.50
C MET A 41 -19.29 -8.21 17.16
N ALA A 42 -19.73 -9.02 18.14
CA ALA A 42 -20.87 -9.92 17.98
C ALA A 42 -22.15 -9.15 17.63
N GLU A 43 -22.42 -8.09 18.38
CA GLU A 43 -23.59 -7.24 18.14
C GLU A 43 -23.57 -6.66 16.73
N LEU A 44 -22.41 -6.15 16.32
CA LEU A 44 -22.26 -5.53 15.01
C LEU A 44 -22.26 -6.53 13.86
N MET A 45 -21.80 -7.77 14.13
CA MET A 45 -21.88 -8.82 13.12
C MET A 45 -23.33 -9.08 12.71
N VAL A 46 -24.23 -9.00 13.69
CA VAL A 46 -25.67 -9.06 13.41
C VAL A 46 -26.19 -7.76 12.79
N SER A 47 -26.02 -6.65 13.50
CA SER A 47 -26.68 -5.39 13.12
C SER A 47 -26.19 -4.75 11.82
N GLU A 48 -24.93 -5.01 11.46
CA GLU A 48 -24.34 -4.43 10.26
C GLU A 48 -24.34 -5.38 9.05
N GLY A 49 -25.08 -6.47 9.17
CA GLY A 49 -25.28 -7.38 8.04
C GLY A 49 -24.18 -8.40 7.76
N TRP A 50 -23.20 -8.51 8.66
CA TRP A 50 -22.09 -9.45 8.46
C TRP A 50 -22.54 -10.91 8.51
N LYS A 51 -23.33 -11.24 9.52
CA LYS A 51 -23.92 -12.58 9.66
C LYS A 51 -24.72 -12.96 8.42
N ASP A 52 -25.55 -12.04 7.96
CA ASP A 52 -26.36 -12.21 6.74
C ASP A 52 -25.51 -12.48 5.50
N ALA A 53 -24.31 -11.88 5.44
CA ALA A 53 -23.40 -12.07 4.31
C ALA A 53 -22.69 -13.42 4.38
N GLY A 54 -22.70 -14.04 5.56
CA GLY A 54 -22.12 -15.37 5.75
C GLY A 54 -21.11 -15.48 6.88
N TYR A 55 -20.66 -14.34 7.41
CA TYR A 55 -19.64 -14.30 8.46
C TYR A 55 -20.28 -14.68 9.80
N GLU A 56 -19.96 -15.88 10.28
CA GLU A 56 -20.67 -16.44 11.45
C GLU A 56 -19.77 -16.80 12.64
N TYR A 57 -18.48 -16.95 12.40
CA TYR A 57 -17.53 -17.31 13.46
C TYR A 57 -16.85 -16.10 14.05
N LEU A 58 -17.20 -15.77 15.29
CA LEU A 58 -16.51 -14.73 16.04
C LEU A 58 -15.38 -15.38 16.82
N CYS A 59 -14.14 -15.05 16.48
CA CYS A 59 -12.98 -15.81 16.94
C CYS A 59 -12.01 -15.02 17.79
N ILE A 60 -11.66 -15.59 18.94
CA ILE A 60 -10.63 -15.09 19.82
C ILE A 60 -9.29 -15.71 19.41
N ASP A 61 -8.27 -14.87 19.26
CA ASP A 61 -6.91 -15.33 18.97
C ASP A 61 -6.13 -15.36 20.29
N ASP A 62 -4.80 -15.23 20.22
CA ASP A 62 -3.94 -15.29 21.41
C ASP A 62 -4.25 -14.19 22.43
N CYS A 63 -3.79 -14.40 23.66
CA CYS A 63 -3.85 -13.42 24.75
C CYS A 63 -5.24 -13.25 25.41
N TRP A 64 -6.00 -14.34 25.45
CA TRP A 64 -7.24 -14.36 26.22
C TRP A 64 -7.05 -15.03 27.59
N MET A 65 -5.97 -15.79 27.72
CA MET A 65 -5.74 -16.65 28.90
C MET A 65 -5.13 -15.90 30.08
N ALA A 66 -5.42 -16.42 31.28
CA ALA A 66 -4.70 -16.05 32.50
C ALA A 66 -3.28 -16.65 32.43
N PRO A 67 -2.34 -16.11 33.22
CA PRO A 67 -0.95 -16.59 33.18
C PRO A 67 -0.77 -18.06 33.59
N GLN A 68 -1.66 -18.58 34.44
CA GLN A 68 -1.53 -19.95 34.94
C GLN A 68 -2.81 -20.76 34.77
N ARG A 69 -2.67 -22.08 34.81
CA ARG A 69 -3.82 -22.99 34.86
C ARG A 69 -4.40 -23.01 36.27
N ASP A 70 -5.67 -23.39 36.40
CA ASP A 70 -6.28 -23.52 37.72
C ASP A 70 -5.84 -24.82 38.40
N SER A 71 -6.32 -25.06 39.62
CA SER A 71 -5.88 -26.21 40.41
C SER A 71 -6.40 -27.56 39.87
N GLU A 72 -7.30 -27.48 38.89
CA GLU A 72 -7.77 -28.68 38.18
C GLU A 72 -7.07 -28.81 36.83
N GLY A 73 -6.05 -27.98 36.60
CA GLY A 73 -5.25 -28.04 35.39
C GLY A 73 -5.90 -27.46 34.14
N ARG A 74 -6.95 -26.66 34.34
CA ARG A 74 -7.66 -26.03 33.25
C ARG A 74 -7.07 -24.69 32.88
N LEU A 75 -7.12 -24.36 31.59
CA LEU A 75 -6.89 -23.00 31.13
C LEU A 75 -7.94 -22.09 31.75
N GLN A 76 -7.54 -20.86 32.06
CA GLN A 76 -8.45 -19.86 32.62
C GLN A 76 -8.47 -18.64 31.72
N ALA A 77 -9.66 -18.07 31.51
CA ALA A 77 -9.78 -16.78 30.86
C ALA A 77 -9.22 -15.74 31.83
N ASP A 78 -8.56 -14.71 31.31
CA ASP A 78 -7.99 -13.68 32.18
C ASP A 78 -9.08 -13.07 33.07
N PRO A 79 -8.84 -13.04 34.40
CA PRO A 79 -9.87 -12.62 35.36
C PRO A 79 -10.34 -11.17 35.24
N GLN A 80 -9.49 -10.26 34.79
CA GLN A 80 -9.87 -8.86 34.70
C GLN A 80 -10.30 -8.40 33.31
N ARG A 81 -9.84 -9.11 32.27
CA ARG A 81 -10.23 -8.80 30.90
C ARG A 81 -11.41 -9.66 30.42
N PHE A 82 -11.57 -10.84 31.01
CA PHE A 82 -12.73 -11.70 30.76
C PHE A 82 -13.36 -12.11 32.10
N PRO A 83 -13.85 -11.13 32.90
CA PRO A 83 -14.36 -11.45 34.24
C PRO A 83 -15.59 -12.35 34.26
N HIS A 84 -16.37 -12.35 33.19
CA HIS A 84 -17.57 -13.19 33.11
C HIS A 84 -17.30 -14.56 32.49
N GLY A 85 -16.07 -14.77 32.01
CA GLY A 85 -15.64 -16.07 31.50
C GLY A 85 -16.03 -16.34 30.07
N ILE A 86 -15.45 -17.39 29.51
CA ILE A 86 -15.69 -17.79 28.12
C ILE A 86 -17.09 -18.38 27.91
N ARG A 87 -17.58 -19.13 28.89
CA ARG A 87 -18.90 -19.76 28.77
C ARG A 87 -19.99 -18.72 28.51
N GLN A 88 -20.02 -17.67 29.33
CA GLN A 88 -20.98 -16.59 29.17
C GLN A 88 -20.82 -15.86 27.83
N LEU A 89 -19.57 -15.70 27.40
CA LEU A 89 -19.31 -15.12 26.08
C LEU A 89 -19.87 -16.01 24.98
N ALA A 90 -19.63 -17.31 25.08
CA ALA A 90 -20.14 -18.29 24.12
C ALA A 90 -21.67 -18.27 24.06
N ASN A 91 -22.31 -18.21 25.23
CA ASN A 91 -23.77 -18.10 25.32
C ASN A 91 -24.29 -16.83 24.65
N TYR A 92 -23.59 -15.71 24.89
CA TYR A 92 -23.95 -14.43 24.28
C TYR A 92 -23.85 -14.49 22.77
N VAL A 93 -22.74 -15.05 22.28
CA VAL A 93 -22.48 -15.22 20.86
C VAL A 93 -23.52 -16.13 20.21
N HIS A 94 -23.85 -17.24 20.87
CA HIS A 94 -24.88 -18.18 20.39
C HIS A 94 -26.27 -17.56 20.33
N SER A 95 -26.59 -16.69 21.30
CA SER A 95 -27.89 -16.01 21.34
C SER A 95 -28.08 -15.08 20.13
N LYS A 96 -26.96 -14.68 19.51
CA LYS A 96 -26.98 -13.85 18.31
C LYS A 96 -27.02 -14.67 17.01
N GLY A 97 -27.05 -16.00 17.15
CA GLY A 97 -27.00 -16.90 16.00
C GLY A 97 -25.60 -17.00 15.41
N LEU A 98 -24.60 -16.68 16.22
CA LEU A 98 -23.20 -16.74 15.81
C LEU A 98 -22.49 -17.91 16.50
N LYS A 99 -21.25 -18.16 16.08
CA LYS A 99 -20.42 -19.21 16.67
C LYS A 99 -19.14 -18.63 17.24
N LEU A 100 -18.60 -19.27 18.28
CA LEU A 100 -17.42 -18.75 18.95
C LEU A 100 -16.17 -19.57 18.62
N GLY A 101 -15.12 -18.86 18.25
CA GLY A 101 -13.79 -19.45 18.07
C GLY A 101 -12.88 -19.08 19.21
N ILE A 102 -11.99 -20.00 19.56
CA ILE A 102 -10.95 -19.74 20.56
C ILE A 102 -9.59 -20.19 20.03
N TYR A 103 -8.54 -19.97 20.82
CA TYR A 103 -7.16 -20.15 20.41
C TYR A 103 -6.39 -20.93 21.47
N ALA A 104 -5.54 -21.84 21.03
CA ALA A 104 -4.61 -22.54 21.90
C ALA A 104 -3.37 -22.89 21.10
N ASP A 105 -2.38 -23.50 21.76
CA ASP A 105 -1.11 -23.82 21.12
C ASP A 105 -0.70 -25.25 21.44
N VAL A 106 -0.16 -25.93 20.42
CA VAL A 106 0.22 -27.34 20.53
C VAL A 106 1.43 -27.55 21.44
N GLY A 107 2.23 -26.50 21.60
CA GLY A 107 3.48 -26.58 22.36
C GLY A 107 3.33 -26.21 23.83
N ASN A 108 4.45 -25.87 24.47
CA ASN A 108 4.46 -25.57 25.90
C ASN A 108 3.91 -24.18 26.26
N LYS A 109 3.93 -23.28 25.29
CA LYS A 109 3.39 -21.93 25.46
C LYS A 109 2.74 -21.47 24.17
N THR A 110 1.79 -20.54 24.28
CA THR A 110 1.28 -19.84 23.10
C THR A 110 2.36 -18.91 22.57
N CYS A 111 2.23 -18.49 21.33
CA CYS A 111 3.21 -17.61 20.70
C CYS A 111 3.47 -16.34 21.52
N ALA A 112 2.44 -15.84 22.19
CA ALA A 112 2.59 -14.65 23.05
C ALA A 112 3.08 -14.96 24.47
N GLY A 113 3.24 -16.23 24.80
CA GLY A 113 3.84 -16.64 26.08
C GLY A 113 2.90 -17.17 27.16
N PHE A 114 1.64 -17.38 26.81
CA PHE A 114 0.64 -17.90 27.76
C PHE A 114 0.64 -19.44 27.74
N PRO A 115 -0.15 -20.09 28.65
CA PRO A 115 -0.07 -21.55 28.76
C PRO A 115 -0.32 -22.31 27.44
N GLY A 116 0.58 -23.23 27.11
CA GLY A 116 0.40 -24.11 25.96
C GLY A 116 -0.40 -25.34 26.35
N SER A 117 -0.86 -26.10 25.36
CA SER A 117 -1.72 -27.25 25.59
C SER A 117 -0.99 -28.59 25.68
N PHE A 118 0.30 -28.62 25.36
CA PHE A 118 1.07 -29.86 25.50
C PHE A 118 0.93 -30.42 26.92
N GLY A 119 0.58 -31.71 26.99
CA GLY A 119 0.34 -32.37 28.27
C GLY A 119 -1.06 -32.18 28.82
N TYR A 120 -1.87 -31.39 28.10
CA TYR A 120 -3.22 -31.04 28.56
C TYR A 120 -4.26 -31.12 27.44
N TYR A 121 -3.93 -31.83 26.35
CA TYR A 121 -4.79 -31.86 25.16
C TYR A 121 -6.23 -32.27 25.47
N ASP A 122 -6.39 -33.37 26.21
CA ASP A 122 -7.71 -33.91 26.57
C ASP A 122 -8.49 -32.96 27.47
N ILE A 123 -7.82 -32.44 28.49
CA ILE A 123 -8.40 -31.46 29.42
C ILE A 123 -8.85 -30.20 28.67
N ASP A 124 -8.00 -29.69 27.79
CA ASP A 124 -8.32 -28.47 27.04
C ASP A 124 -9.46 -28.66 26.05
N ALA A 125 -9.47 -29.79 25.35
CA ALA A 125 -10.55 -30.14 24.43
C ALA A 125 -11.89 -30.23 25.14
N GLN A 126 -11.90 -30.88 26.30
CA GLN A 126 -13.13 -31.02 27.08
C GLN A 126 -13.57 -29.68 27.66
N THR A 127 -12.60 -28.87 28.08
CA THR A 127 -12.87 -27.51 28.56
C THR A 127 -13.55 -26.66 27.49
N PHE A 128 -13.03 -26.70 26.28
CA PHE A 128 -13.59 -25.93 25.16
C PHE A 128 -14.99 -26.40 24.81
N ALA A 129 -15.18 -27.72 24.72
CA ALA A 129 -16.48 -28.29 24.38
C ALA A 129 -17.54 -27.92 25.40
N ASP A 130 -17.19 -28.02 26.68
CA ASP A 130 -18.11 -27.70 27.77
C ASP A 130 -18.52 -26.22 27.78
N TRP A 131 -17.58 -25.35 27.40
CA TRP A 131 -17.86 -23.92 27.25
C TRP A 131 -18.80 -23.61 26.09
N GLY A 132 -18.85 -24.51 25.12
CA GLY A 132 -19.63 -24.29 23.90
C GLY A 132 -18.82 -23.67 22.77
N VAL A 133 -17.50 -23.83 22.82
CA VAL A 133 -16.60 -23.40 21.74
C VAL A 133 -16.97 -24.12 20.44
N ASP A 134 -16.93 -23.40 19.31
CA ASP A 134 -17.33 -23.95 18.01
C ASP A 134 -16.18 -24.05 17.02
N LEU A 135 -15.07 -23.41 17.36
CA LEU A 135 -13.87 -23.43 16.52
C LEU A 135 -12.64 -23.28 17.39
N LEU A 136 -11.59 -24.01 17.04
CA LEU A 136 -10.28 -23.84 17.67
C LEU A 136 -9.21 -23.57 16.62
N LYS A 137 -8.51 -22.45 16.80
CA LYS A 137 -7.29 -22.18 16.05
C LYS A 137 -6.14 -22.67 16.93
N PHE A 138 -5.34 -23.58 16.38
CA PHE A 138 -4.33 -24.27 17.17
C PHE A 138 -2.97 -23.94 16.57
N ALA A 139 -2.18 -23.16 17.31
CA ALA A 139 -0.91 -22.62 16.83
C ALA A 139 0.27 -23.52 17.17
N GLY A 140 1.40 -23.31 16.49
CA GLY A 140 2.54 -24.23 16.58
C GLY A 140 3.80 -23.75 17.26
N CYS A 141 3.70 -22.67 18.04
CA CYS A 141 4.87 -22.12 18.74
C CYS A 141 5.32 -22.99 19.91
N TYR A 142 6.60 -22.87 20.22
CA TYR A 142 7.22 -23.50 21.40
C TYR A 142 7.13 -25.03 21.43
N CYS A 143 7.47 -25.64 20.30
N CYS A 143 7.41 -25.63 20.27
CA CYS A 143 7.46 -27.10 20.16
CA CYS A 143 7.52 -27.06 20.13
C CYS A 143 8.87 -27.59 19.80
C CYS A 143 8.98 -27.42 19.95
N ASP A 144 9.42 -28.45 20.66
CA ASP A 144 10.83 -28.88 20.58
C ASP A 144 11.21 -29.74 19.36
N SER A 145 10.21 -30.33 18.70
CA SER A 145 10.46 -31.17 17.52
C SER A 145 9.26 -31.27 16.59
N LEU A 146 9.54 -31.61 15.33
CA LEU A 146 8.50 -31.78 14.31
C LEU A 146 7.64 -33.02 14.57
N GLU A 147 8.24 -34.01 15.24
CA GLU A 147 7.55 -35.23 15.62
C GLU A 147 6.51 -34.95 16.70
N ASN A 148 6.89 -34.16 17.70
CA ASN A 148 5.97 -33.72 18.74
C ASN A 148 4.89 -32.80 18.19
N LEU A 149 5.27 -31.99 17.21
CA LEU A 149 4.35 -31.08 16.52
C LEU A 149 3.21 -31.86 15.87
N ALA A 150 3.56 -32.78 14.97
CA ALA A 150 2.61 -33.64 14.27
C ALA A 150 1.73 -34.44 15.24
N ASP A 151 2.35 -35.07 16.23
CA ASP A 151 1.64 -35.88 17.23
C ASP A 151 0.64 -35.05 18.02
N GLY A 152 1.03 -33.82 18.36
CA GLY A 152 0.18 -32.91 19.12
C GLY A 152 -1.04 -32.48 18.34
N TYR A 153 -0.83 -32.14 17.06
CA TYR A 153 -1.93 -31.77 16.18
C TYR A 153 -2.94 -32.90 15.99
N LYS A 154 -2.42 -34.12 15.81
CA LYS A 154 -3.27 -35.32 15.71
C LYS A 154 -4.01 -35.60 17.00
N HIS A 155 -3.30 -35.52 18.13
CA HIS A 155 -3.89 -35.80 19.44
C HIS A 155 -5.06 -34.84 19.72
N MET A 156 -4.84 -33.54 19.51
CA MET A 156 -5.89 -32.55 19.75
C MET A 156 -7.09 -32.75 18.83
N SER A 157 -6.83 -33.10 17.57
CA SER A 157 -7.90 -33.43 16.63
C SER A 157 -8.80 -34.54 17.17
N LEU A 158 -8.16 -35.61 17.63
CA LEU A 158 -8.89 -36.76 18.17
C LEU A 158 -9.61 -36.43 19.48
N ALA A 159 -8.95 -35.63 20.33
CA ALA A 159 -9.51 -35.22 21.61
C ALA A 159 -10.77 -34.37 21.43
N LEU A 160 -10.72 -33.44 20.48
CA LEU A 160 -11.90 -32.63 20.13
C LEU A 160 -13.03 -33.52 19.62
N ASN A 161 -12.69 -34.47 18.73
CA ASN A 161 -13.66 -35.43 18.22
C ASN A 161 -14.35 -36.20 19.36
N ARG A 162 -13.56 -36.64 20.34
CA ARG A 162 -14.05 -37.44 21.46
C ARG A 162 -15.04 -36.70 22.36
N THR A 163 -15.05 -35.37 22.31
CA THR A 163 -15.98 -34.57 23.11
C THR A 163 -17.42 -34.72 22.58
N GLY A 164 -17.54 -35.06 21.31
CA GLY A 164 -18.85 -35.18 20.67
C GLY A 164 -19.41 -33.86 20.18
N ARG A 165 -18.68 -32.77 20.44
CA ARG A 165 -19.08 -31.45 19.95
C ARG A 165 -18.43 -31.14 18.60
N SER A 166 -19.24 -30.64 17.67
CA SER A 166 -18.75 -30.15 16.38
C SER A 166 -17.90 -28.90 16.57
N ILE A 167 -16.60 -29.03 16.35
CA ILE A 167 -15.66 -27.92 16.49
C ILE A 167 -14.76 -27.84 15.26
N VAL A 168 -14.79 -26.68 14.58
CA VAL A 168 -13.89 -26.44 13.45
C VAL A 168 -12.45 -26.43 13.98
N TYR A 169 -11.60 -27.21 13.31
CA TYR A 169 -10.22 -27.35 13.74
C TYR A 169 -9.26 -26.72 12.72
N SER A 170 -8.68 -25.59 13.12
CA SER A 170 -7.80 -24.80 12.27
C SER A 170 -6.36 -24.99 12.74
N CYS A 171 -5.47 -25.47 11.87
CA CYS A 171 -4.12 -25.83 12.28
C CYS A 171 -3.02 -25.03 11.56
N GLU A 172 -1.90 -24.81 12.25
CA GLU A 172 -0.73 -24.16 11.65
C GLU A 172 0.37 -25.17 11.35
N TRP A 173 -0.01 -26.44 11.40
CA TRP A 173 0.85 -27.59 11.18
C TRP A 173 1.86 -27.44 10.02
N PRO A 174 1.37 -27.27 8.75
CA PRO A 174 2.35 -27.24 7.65
C PRO A 174 3.28 -26.03 7.65
N LEU A 175 2.81 -24.90 8.17
CA LEU A 175 3.63 -23.70 8.28
C LEU A 175 4.95 -23.95 9.02
N TYR A 176 4.89 -24.71 10.11
CA TYR A 176 6.08 -25.00 10.91
C TYR A 176 7.02 -26.05 10.32
N MET A 177 6.67 -26.57 9.14
CA MET A 177 7.50 -27.53 8.40
C MET A 177 8.30 -26.83 7.29
N TRP A 178 7.95 -25.58 7.03
CA TRP A 178 8.60 -24.75 6.02
C TRP A 178 10.02 -24.40 6.48
N PRO A 179 11.01 -24.38 5.56
CA PRO A 179 10.95 -24.66 4.12
C PRO A 179 11.49 -26.02 3.66
N PHE A 180 12.05 -26.81 4.57
CA PHE A 180 12.78 -28.03 4.19
C PHE A 180 11.96 -29.31 4.25
N GLN A 181 10.99 -29.36 5.15
CA GLN A 181 10.13 -30.53 5.30
C GLN A 181 8.87 -30.34 4.46
N LYS A 182 8.64 -31.27 3.54
CA LYS A 182 7.42 -31.24 2.73
C LYS A 182 6.27 -31.83 3.54
N PRO A 183 5.20 -31.02 3.75
CA PRO A 183 4.04 -31.52 4.48
C PRO A 183 3.30 -32.63 3.73
N ASN A 184 2.84 -33.62 4.48
CA ASN A 184 1.94 -34.63 3.91
C ASN A 184 0.52 -34.11 4.08
N TYR A 185 -0.01 -33.54 3.01
CA TYR A 185 -1.33 -32.89 3.04
C TYR A 185 -2.49 -33.88 3.13
N THR A 186 -2.30 -35.09 2.62
CA THR A 186 -3.27 -36.17 2.81
C THR A 186 -3.48 -36.39 4.31
N GLU A 187 -2.39 -36.45 5.06
CA GLU A 187 -2.42 -36.62 6.51
C GLU A 187 -3.00 -35.39 7.23
N ILE A 188 -2.55 -34.20 6.85
CA ILE A 188 -3.02 -32.96 7.47
C ILE A 188 -4.54 -32.81 7.29
N ARG A 189 -5.02 -33.09 6.08
CA ARG A 189 -6.43 -32.99 5.74
C ARG A 189 -7.30 -33.95 6.56
N GLN A 190 -6.76 -35.13 6.87
CA GLN A 190 -7.47 -36.10 7.71
C GLN A 190 -7.77 -35.55 9.11
N TYR A 191 -6.92 -34.65 9.59
CA TYR A 191 -7.00 -34.17 10.96
C TYR A 191 -7.51 -32.73 11.13
N CYS A 192 -7.44 -31.93 10.07
CA CYS A 192 -7.72 -30.48 10.16
C CYS A 192 -8.74 -30.00 9.13
N ASN A 193 -9.57 -29.02 9.51
CA ASN A 193 -10.54 -28.37 8.60
C ASN A 193 -9.88 -27.29 7.74
N HIS A 194 -8.88 -26.62 8.28
CA HIS A 194 -8.00 -25.78 7.47
C HIS A 194 -6.62 -25.63 8.07
N TRP A 195 -5.68 -25.22 7.23
CA TRP A 195 -4.28 -25.22 7.61
C TRP A 195 -3.54 -24.04 7.00
N ARG A 196 -2.76 -23.35 7.85
CA ARG A 196 -1.92 -22.24 7.44
C ARG A 196 -0.62 -22.80 6.84
N ASN A 197 -0.30 -22.38 5.62
CA ASN A 197 0.92 -22.82 4.93
C ASN A 197 2.05 -21.82 5.04
N PHE A 198 1.70 -20.55 5.17
CA PHE A 198 2.65 -19.47 4.99
C PHE A 198 2.63 -18.45 6.13
N ALA A 199 3.65 -17.59 6.16
CA ALA A 199 3.84 -16.61 7.25
C ALA A 199 2.64 -15.69 7.44
N ASP A 200 2.53 -15.13 8.64
CA ASP A 200 1.44 -14.25 9.03
C ASP A 200 1.24 -13.11 8.05
N ILE A 201 -0.01 -12.85 7.69
CA ILE A 201 -0.36 -11.65 6.95
C ILE A 201 -0.20 -10.42 7.87
N ASP A 202 0.02 -9.26 7.27
CA ASP A 202 -0.10 -8.01 8.02
C ASP A 202 -0.81 -6.95 7.18
N ASP A 203 -0.82 -5.72 7.67
CA ASP A 203 -1.55 -4.64 7.03
C ASP A 203 -0.69 -4.01 5.93
N SER A 204 -0.35 -4.81 4.91
CA SER A 204 0.49 -4.33 3.81
C SER A 204 0.23 -5.09 2.53
N TRP A 205 0.43 -4.37 1.43
CA TRP A 205 0.34 -4.94 0.08
C TRP A 205 1.47 -5.94 -0.13
N LYS A 206 2.64 -5.63 0.44
CA LYS A 206 3.79 -6.53 0.36
C LYS A 206 3.47 -7.93 0.88
N SER A 207 2.74 -8.02 2.00
CA SER A 207 2.40 -9.31 2.58
C SER A 207 1.41 -10.07 1.69
C SER A 207 1.38 -10.07 1.73
N ILE A 208 0.44 -9.34 1.12
CA ILE A 208 -0.55 -9.93 0.20
C ILE A 208 0.15 -10.52 -1.04
N LYS A 209 1.04 -9.73 -1.66
CA LYS A 209 1.83 -10.20 -2.79
C LYS A 209 2.63 -11.45 -2.43
N SER A 210 3.25 -11.43 -1.26
CA SER A 210 4.10 -12.53 -0.81
C SER A 210 3.29 -13.83 -0.66
N ILE A 211 2.11 -13.71 -0.06
CA ILE A 211 1.20 -14.85 0.09
C ILE A 211 0.75 -15.38 -1.27
N LEU A 212 0.37 -14.49 -2.17
CA LEU A 212 -0.04 -14.88 -3.53
C LEU A 212 1.10 -15.55 -4.31
N ASP A 213 2.31 -14.99 -4.21
CA ASP A 213 3.47 -15.53 -4.91
C ASP A 213 3.91 -16.89 -4.35
N TRP A 214 3.85 -17.05 -3.03
CA TRP A 214 4.16 -18.35 -2.43
C TRP A 214 3.10 -19.39 -2.72
N THR A 215 1.84 -18.97 -2.79
CA THR A 215 0.74 -19.87 -3.17
C THR A 215 0.90 -20.36 -4.60
N SER A 216 1.07 -19.43 -5.54
CA SER A 216 1.21 -19.80 -6.94
C SER A 216 2.47 -20.62 -7.22
N PHE A 217 3.56 -20.27 -6.53
CA PHE A 217 4.82 -21.02 -6.63
C PHE A 217 4.64 -22.48 -6.19
N ASN A 218 3.81 -22.69 -5.17
CA ASN A 218 3.59 -24.02 -4.60
C ASN A 218 2.28 -24.66 -5.05
N GLN A 219 1.63 -24.10 -6.05
CA GLN A 219 0.25 -24.48 -6.38
C GLN A 219 0.05 -25.94 -6.79
N GLU A 220 1.06 -26.55 -7.43
CA GLU A 220 0.98 -27.97 -7.78
C GLU A 220 0.85 -28.86 -6.54
N ARG A 221 1.53 -28.47 -5.46
CA ARG A 221 1.50 -29.22 -4.21
C ARG A 221 0.20 -29.07 -3.42
N ILE A 222 -0.40 -27.88 -3.45
CA ILE A 222 -1.46 -27.56 -2.49
C ILE A 222 -2.88 -27.39 -3.04
N VAL A 223 -3.01 -27.02 -4.31
CA VAL A 223 -4.34 -26.71 -4.87
C VAL A 223 -5.31 -27.90 -4.82
N ASP A 224 -4.86 -29.06 -5.31
CA ASP A 224 -5.75 -30.22 -5.43
C ASP A 224 -6.12 -30.88 -4.11
N VAL A 225 -5.35 -30.61 -3.06
CA VAL A 225 -5.62 -31.20 -1.75
C VAL A 225 -6.80 -30.51 -1.03
N ALA A 226 -7.10 -29.28 -1.44
CA ALA A 226 -8.20 -28.52 -0.85
C ALA A 226 -9.55 -29.00 -1.38
N GLY A 227 -10.57 -28.87 -0.53
CA GLY A 227 -11.93 -29.25 -0.88
C GLY A 227 -12.83 -29.23 0.34
N PRO A 228 -14.13 -29.55 0.16
CA PRO A 228 -15.08 -29.57 1.25
C PRO A 228 -14.51 -30.30 2.47
N GLY A 229 -14.48 -29.60 3.61
CA GLY A 229 -13.96 -30.16 4.86
C GLY A 229 -12.49 -29.86 5.15
N GLY A 230 -11.76 -29.35 4.16
CA GLY A 230 -10.32 -29.09 4.33
C GLY A 230 -9.75 -28.08 3.34
N TRP A 231 -9.38 -26.91 3.85
CA TRP A 231 -8.96 -25.78 3.01
C TRP A 231 -7.55 -25.29 3.32
N ASN A 232 -6.86 -24.77 2.30
CA ASN A 232 -5.64 -23.98 2.50
C ASN A 232 -6.02 -22.63 3.09
N ASP A 233 -5.31 -22.23 4.14
CA ASP A 233 -5.58 -20.96 4.83
C ASP A 233 -4.42 -19.98 4.55
N PRO A 234 -4.67 -18.96 3.71
CA PRO A 234 -3.67 -17.94 3.38
C PRO A 234 -3.69 -16.77 4.36
N ASP A 235 -4.41 -16.95 5.47
CA ASP A 235 -4.52 -15.99 6.58
C ASP A 235 -5.61 -14.92 6.37
N MET A 236 -5.71 -14.01 7.33
CA MET A 236 -6.85 -13.11 7.49
C MET A 236 -7.07 -12.11 6.35
N LEU A 237 -8.34 -11.75 6.12
CA LEU A 237 -8.65 -10.57 5.33
C LEU A 237 -8.33 -9.34 6.16
N VAL A 238 -7.58 -8.40 5.58
CA VAL A 238 -7.14 -7.20 6.28
C VAL A 238 -7.74 -5.94 5.64
N ILE A 239 -8.76 -6.16 4.81
CA ILE A 239 -9.55 -5.09 4.20
C ILE A 239 -10.22 -4.25 5.30
N GLY A 240 -10.16 -2.93 5.16
CA GLY A 240 -10.82 -2.01 6.08
C GLY A 240 -9.91 -1.44 7.15
N ASN A 241 -8.61 -1.72 7.05
CA ASN A 241 -7.65 -1.21 8.02
C ASN A 241 -6.85 -0.03 7.48
N PHE A 242 -5.51 -0.06 7.56
CA PHE A 242 -4.72 1.16 7.36
C PHE A 242 -3.70 1.12 6.22
N GLY A 243 -3.30 -0.07 5.82
CA GLY A 243 -2.13 -0.22 4.95
C GLY A 243 -2.39 -0.51 3.48
N LEU A 244 -3.67 -0.65 3.12
CA LEU A 244 -4.02 -1.02 1.73
C LEU A 244 -4.77 0.07 1.00
N SER A 245 -4.35 0.33 -0.25
CA SER A 245 -5.13 1.19 -1.15
C SER A 245 -6.42 0.44 -1.53
N TRP A 246 -7.38 1.15 -2.11
CA TRP A 246 -8.63 0.51 -2.52
C TRP A 246 -8.39 -0.65 -3.50
N ASN A 247 -7.49 -0.45 -4.45
CA ASN A 247 -7.16 -1.49 -5.44
C ASN A 247 -6.57 -2.75 -4.82
N GLN A 248 -5.73 -2.57 -3.80
CA GLN A 248 -5.12 -3.68 -3.07
C GLN A 248 -6.14 -4.46 -2.25
N GLN A 249 -7.12 -3.74 -1.70
CA GLN A 249 -8.24 -4.35 -0.98
C GLN A 249 -9.07 -5.22 -1.92
N VAL A 250 -9.36 -4.69 -3.11
CA VAL A 250 -10.09 -5.42 -4.14
C VAL A 250 -9.34 -6.69 -4.54
N THR A 251 -8.03 -6.57 -4.70
CA THR A 251 -7.16 -7.71 -5.04
C THR A 251 -7.23 -8.80 -3.98
N GLN A 252 -7.16 -8.44 -2.69
CA GLN A 252 -7.27 -9.45 -1.64
C GLN A 252 -8.63 -10.17 -1.67
N MET A 253 -9.71 -9.40 -1.76
CA MET A 253 -11.05 -9.99 -1.79
C MET A 253 -11.25 -10.92 -2.99
N ALA A 254 -10.82 -10.47 -4.17
CA ALA A 254 -10.92 -11.27 -5.39
C ALA A 254 -10.15 -12.58 -5.29
N LEU A 255 -8.91 -12.50 -4.80
CA LEU A 255 -8.02 -13.66 -4.81
C LEU A 255 -8.33 -14.66 -3.70
N TRP A 256 -8.82 -14.18 -2.56
CA TRP A 256 -9.25 -15.08 -1.50
C TRP A 256 -10.49 -15.88 -1.93
N ALA A 257 -11.29 -15.31 -2.83
CA ALA A 257 -12.42 -16.02 -3.43
C ALA A 257 -11.93 -17.09 -4.41
N ILE A 258 -10.99 -16.71 -5.28
CA ILE A 258 -10.33 -17.63 -6.20
C ILE A 258 -9.69 -18.81 -5.46
N MET A 259 -9.04 -18.52 -4.33
CA MET A 259 -8.27 -19.54 -3.62
C MET A 259 -9.09 -20.44 -2.70
N ALA A 260 -10.41 -20.26 -2.67
CA ALA A 260 -11.28 -21.00 -1.74
C ALA A 260 -10.73 -20.90 -0.31
N ALA A 261 -10.38 -19.68 0.06
CA ALA A 261 -9.79 -19.38 1.36
C ALA A 261 -10.86 -19.26 2.42
N PRO A 262 -10.58 -19.75 3.64
CA PRO A 262 -11.42 -19.30 4.75
C PRO A 262 -11.38 -17.77 4.78
N LEU A 263 -12.52 -17.15 5.09
CA LEU A 263 -12.59 -15.69 5.10
C LEU A 263 -12.76 -15.17 6.53
N PHE A 264 -11.63 -14.92 7.17
CA PHE A 264 -11.64 -14.36 8.52
C PHE A 264 -11.20 -12.91 8.47
N MET A 265 -12.14 -12.00 8.62
CA MET A 265 -11.82 -10.58 8.68
C MET A 265 -11.08 -10.31 9.96
N SER A 266 -10.07 -9.44 9.90
CA SER A 266 -9.50 -8.87 11.09
C SER A 266 -9.45 -7.36 10.88
N ASN A 267 -10.42 -6.69 11.51
CA ASN A 267 -10.62 -5.26 11.35
C ASN A 267 -11.42 -4.76 12.54
N ASP A 268 -11.74 -3.46 12.56
CA ASP A 268 -12.60 -2.92 13.59
C ASP A 268 -13.98 -2.66 13.01
N LEU A 269 -14.93 -3.54 13.32
CA LEU A 269 -16.29 -3.43 12.80
C LEU A 269 -17.04 -2.18 13.29
N ARG A 270 -16.53 -1.56 14.35
CA ARG A 270 -17.08 -0.30 14.87
C ARG A 270 -16.65 0.89 14.02
N HIS A 271 -15.51 0.75 13.33
CA HIS A 271 -14.94 1.84 12.53
C HIS A 271 -14.45 1.29 11.18
N ILE A 272 -15.38 1.07 10.27
CA ILE A 272 -15.05 0.57 8.94
C ILE A 272 -15.81 1.37 7.89
N SER A 273 -15.13 1.70 6.79
CA SER A 273 -15.71 2.53 5.73
C SER A 273 -16.85 1.81 5.02
N PRO A 274 -17.82 2.57 4.46
CA PRO A 274 -18.88 1.98 3.65
C PRO A 274 -18.36 1.18 2.46
N GLN A 275 -17.26 1.65 1.84
CA GLN A 275 -16.68 0.95 0.68
C GLN A 275 -16.09 -0.40 1.06
N ALA A 276 -15.34 -0.43 2.16
CA ALA A 276 -14.74 -1.68 2.66
C ALA A 276 -15.82 -2.66 3.09
N LYS A 277 -16.87 -2.14 3.73
CA LYS A 277 -18.01 -2.94 4.13
C LYS A 277 -18.66 -3.61 2.92
N ALA A 278 -18.94 -2.82 1.88
CA ALA A 278 -19.60 -3.31 0.67
C ALA A 278 -18.76 -4.36 -0.06
N LEU A 279 -17.45 -4.15 -0.12
CA LEU A 279 -16.54 -5.12 -0.73
C LEU A 279 -16.53 -6.45 0.03
N LEU A 280 -16.41 -6.38 1.36
CA LEU A 280 -16.38 -7.58 2.20
C LEU A 280 -17.71 -8.32 2.23
N GLN A 281 -18.81 -7.61 1.99
CA GLN A 281 -20.14 -8.20 1.97
C GLN A 281 -20.64 -8.48 0.55
N ASP A 282 -19.74 -8.37 -0.42
CA ASP A 282 -20.12 -8.54 -1.83
C ASP A 282 -20.72 -9.92 -2.06
N LYS A 283 -22.03 -9.95 -2.31
CA LYS A 283 -22.80 -11.18 -2.46
C LYS A 283 -22.23 -12.12 -3.53
N ASP A 284 -21.90 -11.56 -4.68
CA ASP A 284 -21.41 -12.34 -5.83
C ASP A 284 -20.00 -12.89 -5.61
N VAL A 285 -19.15 -12.11 -4.96
CA VAL A 285 -17.76 -12.52 -4.69
C VAL A 285 -17.74 -13.60 -3.60
N ILE A 286 -18.56 -13.42 -2.57
CA ILE A 286 -18.70 -14.44 -1.52
C ILE A 286 -19.24 -15.74 -2.12
N ALA A 287 -20.18 -15.64 -3.05
CA ALA A 287 -20.73 -16.82 -3.71
C ALA A 287 -19.65 -17.62 -4.47
N ILE A 288 -18.67 -16.92 -5.03
CA ILE A 288 -17.52 -17.57 -5.65
C ILE A 288 -16.69 -18.29 -4.58
N ASN A 289 -16.32 -17.58 -3.52
CA ASN A 289 -15.59 -18.20 -2.42
C ASN A 289 -16.33 -19.42 -1.85
N GLN A 290 -17.65 -19.29 -1.72
CA GLN A 290 -18.48 -20.33 -1.10
C GLN A 290 -19.00 -21.36 -2.10
N ASP A 291 -18.50 -21.34 -3.33
CA ASP A 291 -19.00 -22.25 -4.36
C ASP A 291 -19.02 -23.70 -3.87
N PRO A 292 -20.17 -24.39 -4.00
CA PRO A 292 -20.34 -25.72 -3.40
C PRO A 292 -19.38 -26.80 -3.94
N LEU A 293 -18.94 -26.66 -5.19
CA LEU A 293 -17.99 -27.62 -5.77
C LEU A 293 -16.70 -27.69 -4.94
N GLY A 294 -16.29 -26.56 -4.38
CA GLY A 294 -15.14 -26.50 -3.48
C GLY A 294 -13.80 -26.84 -4.11
N LYS A 295 -13.63 -26.45 -5.36
CA LYS A 295 -12.35 -26.64 -6.05
C LYS A 295 -11.57 -25.34 -6.00
N GLN A 296 -10.40 -25.37 -5.36
CA GLN A 296 -9.53 -24.20 -5.26
C GLN A 296 -8.99 -23.80 -6.63
N GLY A 297 -8.97 -22.49 -6.89
CA GLY A 297 -8.40 -21.94 -8.11
C GLY A 297 -6.89 -21.94 -8.11
N TYR A 298 -6.31 -21.35 -9.16
CA TYR A 298 -4.88 -21.41 -9.39
C TYR A 298 -4.47 -20.30 -10.34
N GLN A 299 -3.16 -20.06 -10.42
CA GLN A 299 -2.60 -19.10 -11.37
C GLN A 299 -2.49 -19.80 -12.71
N LEU A 300 -3.16 -19.27 -13.71
CA LEU A 300 -3.14 -19.83 -15.06
C LEU A 300 -1.89 -19.39 -15.81
N ARG A 301 -1.61 -18.09 -15.77
CA ARG A 301 -0.45 -17.55 -16.47
C ARG A 301 0.03 -16.26 -15.84
N GLN A 302 1.29 -15.92 -16.10
CA GLN A 302 1.85 -14.64 -15.70
C GLN A 302 2.87 -14.17 -16.71
N GLY A 303 3.00 -12.85 -16.83
CA GLY A 303 3.93 -12.24 -17.77
C GLY A 303 3.54 -10.80 -18.01
N ASP A 304 4.53 -9.98 -18.36
CA ASP A 304 4.34 -8.55 -18.60
C ASP A 304 3.67 -7.88 -17.39
N ASN A 305 4.10 -8.31 -16.19
CA ASN A 305 3.53 -7.85 -14.92
C ASN A 305 2.00 -7.95 -14.79
N PHE A 306 1.43 -8.93 -15.49
CA PHE A 306 0.03 -9.32 -15.33
C PHE A 306 -0.01 -10.74 -14.79
N GLU A 307 -1.07 -11.05 -14.05
CA GLU A 307 -1.34 -12.42 -13.61
C GLU A 307 -2.77 -12.77 -13.93
N VAL A 308 -2.99 -13.98 -14.46
CA VAL A 308 -4.33 -14.49 -14.65
C VAL A 308 -4.52 -15.71 -13.75
N TRP A 309 -5.54 -15.65 -12.89
CA TRP A 309 -5.94 -16.78 -12.06
C TRP A 309 -7.35 -17.19 -12.46
N GLU A 310 -7.68 -18.46 -12.23
CA GLU A 310 -9.01 -18.94 -12.50
C GLU A 310 -9.43 -20.03 -11.51
N ARG A 311 -10.74 -20.16 -11.32
CA ARG A 311 -11.29 -21.17 -10.42
C ARG A 311 -12.51 -21.84 -11.06
N PRO A 312 -12.49 -23.18 -11.15
CA PRO A 312 -13.68 -23.89 -11.62
C PRO A 312 -14.80 -23.82 -10.59
N LEU A 313 -16.01 -23.55 -11.08
CA LEU A 313 -17.19 -23.44 -10.21
C LEU A 313 -18.22 -24.49 -10.61
N SER A 314 -19.23 -24.65 -9.76
CA SER A 314 -20.37 -25.50 -10.08
C SER A 314 -21.13 -24.95 -11.29
N GLY A 315 -21.83 -25.83 -11.98
CA GLY A 315 -22.57 -25.46 -13.18
C GLY A 315 -21.66 -25.14 -14.36
N LEU A 316 -20.49 -25.78 -14.39
CA LEU A 316 -19.50 -25.57 -15.45
C LEU A 316 -19.12 -24.10 -15.65
N ALA A 317 -19.28 -23.31 -14.58
CA ALA A 317 -18.89 -21.90 -14.59
C ALA A 317 -17.45 -21.74 -14.10
N TRP A 318 -16.88 -20.57 -14.35
CA TRP A 318 -15.52 -20.25 -13.94
C TRP A 318 -15.43 -18.82 -13.45
N ALA A 319 -14.64 -18.61 -12.40
CA ALA A 319 -14.25 -17.26 -11.99
C ALA A 319 -12.85 -17.01 -12.51
N VAL A 320 -12.61 -15.79 -12.99
CA VAL A 320 -11.31 -15.44 -13.57
C VAL A 320 -10.86 -14.10 -12.98
N ALA A 321 -9.64 -14.08 -12.45
CA ALA A 321 -9.06 -12.86 -11.86
C ALA A 321 -7.82 -12.44 -12.64
N MET A 322 -7.77 -11.16 -12.98
CA MET A 322 -6.63 -10.61 -13.70
C MET A 322 -6.01 -9.50 -12.87
N ILE A 323 -4.76 -9.71 -12.46
CA ILE A 323 -4.07 -8.79 -11.55
C ILE A 323 -3.03 -7.98 -12.31
N ASN A 324 -3.04 -6.67 -12.10
CA ASN A 324 -2.01 -5.81 -12.63
C ASN A 324 -0.93 -5.62 -11.57
N ARG A 325 0.22 -6.27 -11.77
CA ARG A 325 1.33 -6.23 -10.82
C ARG A 325 2.33 -5.10 -11.12
N GLN A 326 2.08 -4.31 -12.15
CA GLN A 326 2.93 -3.15 -12.43
C GLN A 326 2.53 -1.99 -11.51
N GLU A 327 3.44 -1.58 -10.64
CA GLU A 327 3.13 -0.59 -9.60
C GLU A 327 3.57 0.83 -9.98
N ILE A 328 3.28 1.18 -11.24
CA ILE A 328 3.59 2.48 -11.80
C ILE A 328 2.63 2.71 -12.98
N GLY A 329 2.36 3.97 -13.31
CA GLY A 329 1.50 4.29 -14.45
C GLY A 329 0.02 4.29 -14.10
N GLY A 330 -0.81 4.06 -15.11
CA GLY A 330 -2.25 4.08 -14.94
C GLY A 330 -2.91 2.76 -15.26
N PRO A 331 -4.25 2.75 -15.39
CA PRO A 331 -4.97 1.54 -15.77
C PRO A 331 -4.35 0.98 -17.05
N ARG A 332 -4.01 -0.30 -17.02
CA ARG A 332 -3.27 -0.91 -18.11
C ARG A 332 -4.11 -1.95 -18.84
N SER A 333 -4.07 -1.91 -20.16
CA SER A 333 -4.85 -2.79 -21.01
C SER A 333 -4.32 -4.23 -20.97
N TYR A 334 -5.23 -5.19 -20.81
CA TYR A 334 -4.88 -6.59 -20.91
C TYR A 334 -5.88 -7.35 -21.77
N THR A 335 -5.35 -8.06 -22.77
CA THR A 335 -6.17 -8.83 -23.70
C THR A 335 -5.81 -10.31 -23.63
N ILE A 336 -6.83 -11.15 -23.50
CA ILE A 336 -6.64 -12.59 -23.47
C ILE A 336 -7.68 -13.29 -24.36
N ALA A 337 -7.23 -14.31 -25.08
CA ALA A 337 -8.14 -15.18 -25.83
C ALA A 337 -8.94 -16.01 -24.85
N VAL A 338 -10.27 -15.96 -24.98
CA VAL A 338 -11.15 -16.68 -24.05
C VAL A 338 -10.97 -18.21 -24.17
N ALA A 339 -10.42 -18.65 -25.29
CA ALA A 339 -10.11 -20.07 -25.52
C ALA A 339 -9.06 -20.62 -24.55
N SER A 340 -8.25 -19.73 -23.97
CA SER A 340 -7.24 -20.13 -23.00
C SER A 340 -7.83 -20.33 -21.61
N LEU A 341 -9.04 -19.81 -21.39
CA LEU A 341 -9.68 -19.83 -20.08
C LEU A 341 -10.40 -21.15 -19.80
N GLY A 342 -10.36 -21.55 -18.52
CA GLY A 342 -11.04 -22.74 -18.06
C GLY A 342 -10.73 -24.01 -18.83
N LYS A 343 -9.43 -24.29 -19.00
CA LYS A 343 -8.95 -25.48 -19.72
C LYS A 343 -9.46 -25.57 -21.16
N GLY A 344 -9.95 -24.45 -21.69
CA GLY A 344 -10.49 -24.40 -23.04
C GLY A 344 -11.90 -24.94 -23.18
N VAL A 345 -12.63 -25.04 -22.07
CA VAL A 345 -14.03 -25.49 -22.11
C VAL A 345 -15.01 -24.41 -21.63
N ALA A 346 -14.50 -23.45 -20.88
CA ALA A 346 -15.30 -22.36 -20.31
C ALA A 346 -16.12 -21.64 -21.37
N CYS A 347 -15.48 -21.30 -22.49
CA CYS A 347 -16.14 -20.52 -23.52
C CYS A 347 -16.26 -21.25 -24.87
N ASN A 348 -16.35 -22.57 -24.81
CA ASN A 348 -16.66 -23.38 -25.98
C ASN A 348 -18.10 -23.91 -25.87
N PRO A 349 -18.98 -23.54 -26.81
CA PRO A 349 -18.77 -22.70 -28.01
C PRO A 349 -18.75 -21.20 -27.70
N ALA A 350 -19.27 -20.83 -26.54
CA ALA A 350 -19.31 -19.44 -26.10
C ALA A 350 -19.53 -19.38 -24.59
N CYS A 351 -19.23 -18.21 -24.01
CA CYS A 351 -19.55 -17.95 -22.61
C CYS A 351 -20.16 -16.56 -22.47
N PHE A 352 -21.00 -16.39 -21.45
CA PHE A 352 -21.41 -15.05 -21.04
C PHE A 352 -20.52 -14.62 -19.88
N ILE A 353 -19.98 -13.41 -19.98
CA ILE A 353 -19.04 -12.91 -18.99
C ILE A 353 -19.62 -11.73 -18.20
N THR A 354 -19.57 -11.84 -16.87
CA THR A 354 -19.94 -10.75 -15.98
C THR A 354 -18.73 -10.32 -15.18
N GLN A 355 -18.42 -9.03 -15.20
CA GLN A 355 -17.41 -8.48 -14.30
C GLN A 355 -18.04 -8.29 -12.92
N LEU A 356 -17.35 -8.72 -11.89
CA LEU A 356 -17.82 -8.59 -10.51
C LEU A 356 -17.05 -7.54 -9.75
N LEU A 357 -15.75 -7.43 -10.04
CA LEU A 357 -14.87 -6.44 -9.42
C LEU A 357 -14.00 -5.79 -10.49
N PRO A 358 -13.61 -4.50 -10.31
CA PRO A 358 -13.91 -3.62 -9.17
C PRO A 358 -15.35 -3.10 -9.14
N VAL A 359 -16.05 -3.18 -10.26
CA VAL A 359 -17.48 -2.85 -10.33
C VAL A 359 -18.25 -3.97 -11.04
N LYS A 360 -19.54 -4.12 -10.72
CA LYS A 360 -20.34 -5.16 -11.36
C LYS A 360 -20.89 -4.69 -12.70
N ARG A 361 -20.62 -5.48 -13.75
CA ARG A 361 -20.97 -5.14 -15.12
C ARG A 361 -21.09 -6.37 -16.00
N LYS A 362 -22.25 -6.53 -16.63
CA LYS A 362 -22.45 -7.58 -17.62
C LYS A 362 -21.70 -7.21 -18.89
N LEU A 363 -20.76 -8.05 -19.29
CA LEU A 363 -19.90 -7.74 -20.44
C LEU A 363 -20.40 -8.30 -21.77
N GLY A 364 -21.22 -9.35 -21.70
CA GLY A 364 -21.84 -9.92 -22.90
C GLY A 364 -21.38 -11.31 -23.28
N PHE A 365 -21.83 -11.77 -24.44
CA PHE A 365 -21.48 -13.10 -24.96
C PHE A 365 -20.14 -13.07 -25.71
N TYR A 366 -19.27 -14.00 -25.37
CA TYR A 366 -17.97 -14.14 -26.00
C TYR A 366 -17.84 -15.53 -26.62
N GLU A 367 -17.72 -15.57 -27.94
CA GLU A 367 -17.56 -16.83 -28.66
C GLU A 367 -16.17 -17.43 -28.43
N TRP A 368 -16.06 -18.73 -28.69
CA TRP A 368 -14.83 -19.51 -28.49
C TRP A 368 -13.55 -18.87 -29.03
N THR A 369 -13.66 -18.20 -30.17
CA THR A 369 -12.48 -17.63 -30.86
C THR A 369 -12.20 -16.17 -30.51
N SER A 370 -13.04 -15.57 -29.67
CA SER A 370 -12.96 -14.13 -29.38
C SER A 370 -11.89 -13.78 -28.33
N ARG A 371 -11.63 -12.48 -28.20
CA ARG A 371 -10.67 -11.97 -27.22
C ARG A 371 -11.36 -11.02 -26.24
N LEU A 372 -10.90 -11.06 -24.99
CA LEU A 372 -11.44 -10.23 -23.93
C LEU A 372 -10.43 -9.14 -23.56
N ARG A 373 -10.85 -7.88 -23.65
CA ARG A 373 -9.99 -6.76 -23.28
C ARG A 373 -10.47 -6.12 -21.98
N SER A 374 -9.54 -5.95 -21.04
CA SER A 374 -9.83 -5.26 -19.79
C SER A 374 -8.76 -4.20 -19.48
N HIS A 375 -9.17 -3.18 -18.71
CA HIS A 375 -8.23 -2.22 -18.16
C HIS A 375 -8.16 -2.44 -16.65
N ILE A 376 -6.95 -2.64 -16.15
CA ILE A 376 -6.76 -2.98 -14.74
C ILE A 376 -5.85 -1.96 -14.06
N ASN A 377 -6.34 -1.38 -12.97
CA ASN A 377 -5.56 -0.45 -12.16
C ASN A 377 -4.30 -1.12 -11.60
N PRO A 378 -3.19 -0.36 -11.47
CA PRO A 378 -1.98 -0.82 -10.77
C PRO A 378 -2.31 -1.33 -9.37
N THR A 379 -1.86 -2.57 -9.09
CA THR A 379 -2.12 -3.33 -7.84
C THR A 379 -3.58 -3.78 -7.67
N GLY A 380 -4.41 -3.47 -8.67
CA GLY A 380 -5.81 -3.87 -8.69
C GLY A 380 -6.06 -5.19 -9.39
N THR A 381 -7.30 -5.67 -9.30
CA THR A 381 -7.73 -6.90 -9.93
C THR A 381 -9.10 -6.72 -10.57
N VAL A 382 -9.27 -7.27 -11.77
CA VAL A 382 -10.58 -7.42 -12.38
C VAL A 382 -11.02 -8.87 -12.16
N LEU A 383 -12.18 -9.06 -11.53
CA LEU A 383 -12.73 -10.39 -11.31
C LEU A 383 -13.95 -10.61 -12.21
N LEU A 384 -13.92 -11.71 -12.96
CA LEU A 384 -14.99 -12.05 -13.88
C LEU A 384 -15.61 -13.39 -13.52
N GLN A 385 -16.88 -13.55 -13.88
CA GLN A 385 -17.52 -14.85 -13.83
C GLN A 385 -17.97 -15.25 -15.23
N LEU A 386 -17.59 -16.45 -15.64
CA LEU A 386 -17.89 -16.97 -16.96
C LEU A 386 -18.94 -18.06 -16.84
N GLU A 387 -20.02 -17.94 -17.62
CA GLU A 387 -21.02 -19.00 -17.76
C GLU A 387 -21.01 -19.55 -19.18
N ASN A 388 -20.82 -20.86 -19.29
CA ASN A 388 -20.88 -21.52 -20.59
C ASN A 388 -22.32 -21.48 -21.13
N THR A 389 -22.46 -21.06 -22.38
CA THR A 389 -23.79 -20.81 -22.97
C THR A 389 -24.72 -22.02 -23.01
N MET A 390 -24.14 -23.22 -23.11
CA MET A 390 -24.91 -24.46 -23.08
C MET A 390 -25.53 -24.73 -21.70
N GLN A 391 -24.81 -24.35 -20.65
CA GLN A 391 -25.30 -24.41 -19.28
C GLN A 391 -26.45 -23.42 -19.05
N MET A 392 -26.33 -22.24 -19.65
CA MET A 392 -27.31 -21.17 -19.47
C MET A 392 -28.69 -21.56 -20.02
N SER A 393 -28.70 -22.06 -21.25
CA SER A 393 -29.94 -22.44 -21.93
C SER A 393 -30.59 -23.67 -21.29
N LEU A 394 -29.77 -24.61 -20.82
CA LEU A 394 -30.26 -25.81 -20.15
C LEU A 394 -30.78 -25.48 -18.75
N LYS A 395 -32.11 -25.36 -18.65
CA LYS A 395 -32.80 -25.02 -17.40
C LYS A 395 -32.11 -23.95 -16.55
N LEU B 1 22.08 26.51 -7.39
CA LEU B 1 22.41 27.30 -8.62
C LEU B 1 21.98 28.75 -8.42
N ASP B 2 22.91 29.68 -8.70
CA ASP B 2 22.70 31.10 -8.43
C ASP B 2 22.05 31.83 -9.61
N ASN B 3 20.87 31.35 -10.03
CA ASN B 3 20.14 31.96 -11.14
C ASN B 3 18.89 32.71 -10.70
N GLY B 4 18.74 32.90 -9.40
CA GLY B 4 17.60 33.62 -8.82
C GLY B 4 16.32 32.81 -8.76
N LEU B 5 16.38 31.56 -9.22
CA LEU B 5 15.20 30.70 -9.23
C LEU B 5 15.23 29.68 -8.10
N ALA B 6 14.09 29.02 -7.87
CA ALA B 6 13.93 27.99 -6.83
C ALA B 6 14.36 28.49 -5.45
N ARG B 7 13.97 29.72 -5.12
CA ARG B 7 14.29 30.29 -3.82
C ARG B 7 13.53 29.58 -2.71
N THR B 8 12.41 28.97 -3.10
CA THR B 8 11.73 27.95 -2.31
C THR B 8 11.60 26.75 -3.26
N PRO B 9 11.36 25.54 -2.72
CA PRO B 9 11.25 24.36 -3.60
C PRO B 9 10.23 24.56 -4.73
N THR B 10 10.61 24.16 -5.94
CA THR B 10 9.74 24.27 -7.11
C THR B 10 8.46 23.42 -6.95
N MET B 11 7.32 23.97 -7.37
CA MET B 11 6.06 23.25 -7.30
C MET B 11 5.44 23.15 -8.68
N GLY B 12 4.93 21.97 -9.01
CA GLY B 12 4.25 21.78 -10.28
C GLY B 12 3.70 20.39 -10.51
N TRP B 13 3.55 20.04 -11.78
CA TRP B 13 3.00 18.76 -12.20
C TRP B 13 3.92 18.19 -13.25
N LEU B 14 4.18 16.89 -13.18
CA LEU B 14 5.08 16.19 -14.11
C LEU B 14 4.41 14.88 -14.54
N HIS B 15 4.44 14.57 -15.84
CA HIS B 15 3.64 13.46 -16.36
C HIS B 15 4.11 12.06 -16.00
N TRP B 16 5.40 11.91 -15.67
CA TRP B 16 6.04 10.58 -15.74
C TRP B 16 5.39 9.44 -14.96
N GLU B 17 5.23 9.58 -13.65
CA GLU B 17 4.81 8.43 -12.85
C GLU B 17 3.43 7.92 -13.29
N ARG B 18 2.52 8.84 -13.57
CA ARG B 18 1.14 8.48 -13.91
C ARG B 18 0.97 8.04 -15.37
N PHE B 19 1.64 8.71 -16.29
CA PHE B 19 1.39 8.50 -17.72
C PHE B 19 2.52 7.81 -18.49
N MET B 20 3.73 7.87 -17.94
CA MET B 20 4.90 7.15 -18.47
C MET B 20 5.19 7.45 -19.95
N CYS B 21 5.51 6.42 -20.73
CA CYS B 21 5.88 6.58 -22.14
C CYS B 21 4.81 6.01 -23.07
N ASN B 22 3.56 6.42 -22.82
CA ASN B 22 2.42 5.95 -23.60
C ASN B 22 2.35 6.65 -24.95
N LEU B 23 2.63 5.91 -26.02
CA LEU B 23 2.70 6.49 -27.35
C LEU B 23 1.51 6.09 -28.21
N ASP B 24 0.59 5.33 -27.60
CA ASP B 24 -0.54 4.75 -28.33
C ASP B 24 -1.78 5.65 -28.29
N CYS B 25 -1.77 6.71 -29.09
CA CYS B 25 -2.91 7.63 -29.16
C CYS B 25 -4.10 7.05 -29.93
N GLN B 26 -3.85 5.97 -30.67
CA GLN B 26 -4.91 5.25 -31.38
C GLN B 26 -5.84 4.53 -30.42
N GLU B 27 -5.28 3.70 -29.55
CA GLU B 27 -6.07 2.90 -28.61
C GLU B 27 -6.30 3.63 -27.30
N GLU B 28 -5.40 4.55 -26.95
CA GLU B 28 -5.50 5.27 -25.68
C GLU B 28 -5.27 6.77 -25.86
N PRO B 29 -6.19 7.45 -26.56
CA PRO B 29 -6.02 8.88 -26.86
C PRO B 29 -6.03 9.77 -25.63
N ASP B 30 -6.74 9.35 -24.58
CA ASP B 30 -6.87 10.16 -23.36
C ASP B 30 -5.68 10.05 -22.40
N SER B 31 -4.79 9.10 -22.63
CA SER B 31 -3.63 8.92 -21.74
C SER B 31 -2.27 8.87 -22.43
N CYS B 32 -2.26 8.99 -23.76
CA CYS B 32 -0.99 9.04 -24.49
C CYS B 32 -0.31 10.39 -24.28
N ILE B 33 1.02 10.41 -24.39
CA ILE B 33 1.80 11.63 -24.24
C ILE B 33 1.59 12.51 -25.47
N SER B 34 0.73 13.52 -25.33
CA SER B 34 0.33 14.38 -26.44
C SER B 34 0.15 15.82 -25.99
N GLU B 35 0.13 16.74 -26.95
CA GLU B 35 -0.12 18.15 -26.64
C GLU B 35 -1.47 18.34 -25.94
N LYS B 36 -2.47 17.56 -26.34
CA LYS B 36 -3.81 17.62 -25.74
C LYS B 36 -3.77 17.31 -24.24
N LEU B 37 -3.00 16.30 -23.85
CA LEU B 37 -2.86 15.93 -22.44
C LEU B 37 -2.36 17.11 -21.61
N PHE B 38 -1.32 17.77 -22.10
CA PHE B 38 -0.73 18.89 -21.39
C PHE B 38 -1.61 20.13 -21.38
N MET B 39 -2.35 20.34 -22.46
CA MET B 39 -3.30 21.44 -22.53
C MET B 39 -4.43 21.27 -21.53
N GLU B 40 -4.93 20.04 -21.40
CA GLU B 40 -5.98 19.72 -20.43
C GLU B 40 -5.51 19.91 -18.98
N MET B 41 -4.29 19.47 -18.69
CA MET B 41 -3.71 19.62 -17.36
C MET B 41 -3.50 21.09 -17.02
N ALA B 42 -3.07 21.88 -18.01
CA ALA B 42 -2.91 23.32 -17.87
C ALA B 42 -4.21 24.00 -17.47
N GLU B 43 -5.30 23.68 -18.18
CA GLU B 43 -6.62 24.22 -17.88
C GLU B 43 -7.01 23.92 -16.43
N LEU B 44 -6.85 22.65 -16.03
CA LEU B 44 -7.26 22.21 -14.69
C LEU B 44 -6.37 22.75 -13.58
N MET B 45 -5.08 22.94 -13.86
CA MET B 45 -4.17 23.56 -12.89
C MET B 45 -4.70 24.94 -12.47
N VAL B 46 -5.29 25.65 -13.42
CA VAL B 46 -5.96 26.93 -13.12
C VAL B 46 -7.34 26.73 -12.48
N SER B 47 -8.22 26.02 -13.16
CA SER B 47 -9.63 25.93 -12.75
C SER B 47 -9.88 25.19 -11.44
N GLU B 48 -9.02 24.23 -11.12
CA GLU B 48 -9.17 23.44 -9.88
C GLU B 48 -8.30 23.94 -8.72
N GLY B 49 -7.70 25.12 -8.88
CA GLY B 49 -7.04 25.81 -7.79
C GLY B 49 -5.61 25.39 -7.51
N TRP B 50 -5.02 24.61 -8.42
CA TRP B 50 -3.65 24.12 -8.23
C TRP B 50 -2.64 25.27 -8.28
N LYS B 51 -2.77 26.13 -9.27
CA LYS B 51 -1.92 27.32 -9.39
C LYS B 51 -2.00 28.19 -8.14
N ASP B 52 -3.22 28.43 -7.65
CA ASP B 52 -3.43 29.22 -6.44
C ASP B 52 -2.75 28.62 -5.20
N ALA B 53 -2.71 27.29 -5.12
CA ALA B 53 -2.02 26.59 -4.03
C ALA B 53 -0.49 26.68 -4.15
N GLY B 54 0.00 26.99 -5.35
CA GLY B 54 1.44 27.15 -5.59
C GLY B 54 2.03 26.34 -6.74
N TYR B 55 1.24 25.40 -7.28
CA TYR B 55 1.71 24.53 -8.36
C TYR B 55 1.68 25.28 -9.69
N GLU B 56 2.85 25.70 -10.17
CA GLU B 56 2.93 26.61 -11.31
C GLU B 56 3.67 26.05 -12.53
N TYR B 57 4.48 25.02 -12.32
CA TYR B 57 5.26 24.42 -13.41
C TYR B 57 4.58 23.20 -13.99
N LEU B 58 4.12 23.31 -15.24
CA LEU B 58 3.56 22.17 -15.95
C LEU B 58 4.67 21.51 -16.76
N CYS B 59 5.01 20.28 -16.39
CA CYS B 59 6.24 19.67 -16.91
C CYS B 59 6.06 18.43 -17.76
N ILE B 60 6.70 18.47 -18.92
CA ILE B 60 6.78 17.33 -19.82
C ILE B 60 8.00 16.51 -19.43
N ASP B 61 7.81 15.20 -19.29
CA ASP B 61 8.91 14.28 -19.02
C ASP B 61 9.33 13.62 -20.35
N ASP B 62 9.87 12.40 -20.29
CA ASP B 62 10.38 11.68 -21.46
C ASP B 62 9.25 11.40 -22.47
N CYS B 63 9.65 11.14 -23.72
CA CYS B 63 8.76 10.68 -24.80
C CYS B 63 7.89 11.75 -25.45
N TRP B 64 8.37 13.00 -25.44
CA TRP B 64 7.72 14.09 -26.14
C TRP B 64 8.27 14.29 -27.54
N MET B 65 9.51 13.85 -27.75
CA MET B 65 10.22 14.14 -28.99
C MET B 65 10.11 13.06 -30.06
N ALA B 66 10.36 13.48 -31.30
CA ALA B 66 10.42 12.58 -32.46
C ALA B 66 11.59 11.59 -32.33
N PRO B 67 11.55 10.48 -33.08
CA PRO B 67 12.64 9.47 -33.00
C PRO B 67 14.00 10.01 -33.41
N GLN B 68 14.02 11.00 -34.29
CA GLN B 68 15.28 11.58 -34.78
C GLN B 68 15.30 13.10 -34.66
N ARG B 69 16.50 13.67 -34.64
CA ARG B 69 16.68 15.12 -34.74
C ARG B 69 16.39 15.58 -36.16
N ASP B 70 16.05 16.87 -36.32
CA ASP B 70 15.86 17.43 -37.66
C ASP B 70 17.21 17.68 -38.34
N SER B 71 17.19 18.15 -39.58
CA SER B 71 18.41 18.34 -40.36
C SER B 71 19.31 19.46 -39.83
N GLU B 72 18.80 20.24 -38.89
CA GLU B 72 19.60 21.26 -38.21
C GLU B 72 20.09 20.77 -36.85
N GLY B 73 19.91 19.46 -36.61
CA GLY B 73 20.39 18.84 -35.38
C GLY B 73 19.56 19.17 -34.15
N ARG B 74 18.34 19.64 -34.36
CA ARG B 74 17.46 20.00 -33.26
C ARG B 74 16.57 18.82 -32.86
N LEU B 75 16.27 18.74 -31.57
CA LEU B 75 15.18 17.90 -31.08
C LEU B 75 13.88 18.40 -31.70
N GLN B 76 13.00 17.47 -32.06
CA GLN B 76 11.71 17.82 -32.65
C GLN B 76 10.60 17.28 -31.78
N ALA B 77 9.54 18.06 -31.61
CA ALA B 77 8.32 17.57 -30.98
C ALA B 77 7.74 16.49 -31.90
N ASP B 78 7.30 15.37 -31.32
CA ASP B 78 6.71 14.32 -32.15
C ASP B 78 5.61 14.89 -33.04
N PRO B 79 5.70 14.65 -34.37
CA PRO B 79 4.77 15.25 -35.34
C PRO B 79 3.32 14.78 -35.22
N GLN B 80 3.10 13.56 -34.70
CA GLN B 80 1.74 13.05 -34.55
C GLN B 80 1.11 13.43 -33.22
N ARG B 81 1.92 13.46 -32.17
CA ARG B 81 1.42 13.68 -30.81
C ARG B 81 1.55 15.13 -30.34
N PHE B 82 2.50 15.86 -30.94
CA PHE B 82 2.63 17.30 -30.71
C PHE B 82 2.67 18.03 -32.06
N PRO B 83 1.59 17.90 -32.87
CA PRO B 83 1.61 18.47 -34.23
C PRO B 83 1.78 19.99 -34.28
N HIS B 84 1.30 20.69 -33.25
CA HIS B 84 1.41 22.16 -33.20
C HIS B 84 2.75 22.65 -32.65
N GLY B 85 3.57 21.72 -32.15
CA GLY B 85 4.91 22.04 -31.66
C GLY B 85 4.95 22.58 -30.25
N ILE B 86 6.16 22.66 -29.70
CA ILE B 86 6.36 23.07 -28.31
C ILE B 86 6.18 24.57 -28.11
N ARG B 87 6.57 25.37 -29.11
CA ARG B 87 6.41 26.82 -29.03
C ARG B 87 4.96 27.20 -28.73
N GLN B 88 4.04 26.65 -29.52
CA GLN B 88 2.60 26.88 -29.33
C GLN B 88 2.12 26.39 -27.98
N LEU B 89 2.61 25.23 -27.54
CA LEU B 89 2.26 24.70 -26.22
C LEU B 89 2.75 25.64 -25.11
N ALA B 90 3.99 26.10 -25.22
CA ALA B 90 4.54 27.05 -24.26
C ALA B 90 3.70 28.34 -24.21
N ASN B 91 3.32 28.84 -25.38
CA ASN B 91 2.45 30.02 -25.46
C ASN B 91 1.12 29.78 -24.75
N TYR B 92 0.53 28.61 -24.96
CA TYR B 92 -0.73 28.24 -24.32
C TYR B 92 -0.60 28.18 -22.81
N VAL B 93 0.47 27.51 -22.35
CA VAL B 93 0.77 27.38 -20.92
C VAL B 93 1.00 28.76 -20.27
N HIS B 94 1.77 29.61 -20.94
CA HIS B 94 2.04 30.97 -20.43
C HIS B 94 0.78 31.81 -20.32
N SER B 95 -0.14 31.63 -21.27
CA SER B 95 -1.40 32.39 -21.28
C SER B 95 -2.27 32.04 -20.07
N LYS B 96 -2.01 30.89 -19.45
CA LYS B 96 -2.72 30.45 -18.24
C LYS B 96 -2.03 30.92 -16.97
N GLY B 97 -0.90 31.62 -17.12
CA GLY B 97 -0.10 32.09 -15.99
C GLY B 97 0.77 30.99 -15.41
N LEU B 98 1.03 29.96 -16.23
CA LEU B 98 1.85 28.83 -15.81
C LEU B 98 3.20 28.84 -16.52
N LYS B 99 4.09 27.97 -16.07
CA LYS B 99 5.40 27.81 -16.67
C LYS B 99 5.54 26.40 -17.26
N LEU B 100 6.33 26.28 -18.32
CA LEU B 100 6.49 24.99 -19.00
C LEU B 100 7.82 24.33 -18.69
N GLY B 101 7.75 23.08 -18.26
CA GLY B 101 8.95 22.26 -18.07
C GLY B 101 9.09 21.27 -19.22
N ILE B 102 10.34 20.99 -19.58
CA ILE B 102 10.63 19.99 -20.60
C ILE B 102 11.72 19.04 -20.10
N TYR B 103 12.02 18.01 -20.90
CA TYR B 103 12.89 16.92 -20.50
C TYR B 103 13.94 16.64 -21.56
N ALA B 104 15.17 16.39 -21.11
CA ALA B 104 16.25 15.95 -21.98
C ALA B 104 17.19 15.04 -21.20
N ASP B 105 18.20 14.50 -21.88
CA ASP B 105 19.13 13.56 -21.25
C ASP B 105 20.57 13.89 -21.59
N VAL B 106 21.42 13.83 -20.56
CA VAL B 106 22.84 14.18 -20.65
C VAL B 106 23.64 13.25 -21.57
N GLY B 107 23.15 12.02 -21.76
CA GLY B 107 23.84 11.01 -22.55
C GLY B 107 23.41 10.97 -24.00
N ASN B 108 23.70 9.84 -24.66
CA ASN B 108 23.41 9.65 -26.08
C ASN B 108 21.94 9.44 -26.40
N LYS B 109 21.19 8.93 -25.43
CA LYS B 109 19.75 8.72 -25.57
C LYS B 109 19.04 9.07 -24.26
N THR B 110 17.75 9.38 -24.35
CA THR B 110 16.92 9.46 -23.16
C THR B 110 16.68 8.04 -22.65
N CYS B 111 16.21 7.93 -21.41
CA CYS B 111 15.97 6.63 -20.79
C CYS B 111 15.00 5.76 -21.59
N ALA B 112 14.05 6.40 -22.27
CA ALA B 112 13.11 5.68 -23.13
C ALA B 112 13.64 5.39 -24.54
N GLY B 113 14.83 5.92 -24.85
CA GLY B 113 15.49 5.60 -26.12
C GLY B 113 15.44 6.68 -27.18
N PHE B 114 14.94 7.86 -26.82
CA PHE B 114 14.87 8.98 -27.77
C PHE B 114 16.20 9.76 -27.80
N PRO B 115 16.38 10.67 -28.78
CA PRO B 115 17.67 11.37 -28.91
C PRO B 115 18.16 12.03 -27.62
N GLY B 116 19.40 11.76 -27.25
CA GLY B 116 20.03 12.39 -26.09
C GLY B 116 20.77 13.66 -26.48
N SER B 117 21.17 14.44 -25.48
CA SER B 117 21.75 15.76 -25.72
C SER B 117 23.28 15.81 -25.80
N PHE B 118 23.94 14.68 -25.58
CA PHE B 118 25.39 14.61 -25.71
C PHE B 118 25.82 15.06 -27.11
N GLY B 119 26.75 16.02 -27.17
CA GLY B 119 27.20 16.59 -28.43
C GLY B 119 26.29 17.68 -28.97
N TYR B 120 25.20 17.95 -28.26
CA TYR B 120 24.17 18.91 -28.70
C TYR B 120 23.70 19.86 -27.61
N TYR B 121 24.49 20.01 -26.54
CA TYR B 121 24.08 20.79 -25.37
C TYR B 121 23.70 22.24 -25.69
N ASP B 122 24.52 22.91 -26.50
CA ASP B 122 24.28 24.30 -26.89
C ASP B 122 23.03 24.43 -27.77
N ILE B 123 22.93 23.56 -28.77
CA ILE B 123 21.76 23.53 -29.67
C ILE B 123 20.47 23.33 -28.88
N ASP B 124 20.46 22.33 -28.00
CA ASP B 124 19.25 22.01 -27.24
C ASP B 124 18.84 23.13 -26.27
N ALA B 125 19.83 23.72 -25.59
CA ALA B 125 19.59 24.86 -24.70
C ALA B 125 18.99 26.04 -25.44
N GLN B 126 19.57 26.40 -26.59
CA GLN B 126 19.03 27.48 -27.43
C GLN B 126 17.64 27.15 -27.96
N THR B 127 17.42 25.89 -28.33
CA THR B 127 16.12 25.41 -28.79
C THR B 127 15.06 25.64 -27.70
N PHE B 128 15.36 25.18 -26.48
CA PHE B 128 14.44 25.30 -25.35
C PHE B 128 14.12 26.77 -25.02
N ALA B 129 15.16 27.60 -24.93
CA ALA B 129 14.98 29.02 -24.60
C ALA B 129 14.13 29.77 -25.62
N ASP B 130 14.39 29.50 -26.91
N ASP B 130 14.35 29.50 -26.91
CA ASP B 130 13.64 30.07 -28.03
CA ASP B 130 13.59 30.16 -27.96
C ASP B 130 12.15 29.71 -27.92
C ASP B 130 12.14 29.68 -28.04
N TRP B 131 11.88 28.47 -27.53
CA TRP B 131 10.51 27.96 -27.38
C TRP B 131 9.76 28.62 -26.22
N GLY B 132 10.51 29.13 -25.24
CA GLY B 132 9.94 29.73 -24.05
C GLY B 132 9.88 28.77 -22.87
N VAL B 133 10.65 27.68 -22.94
CA VAL B 133 10.76 26.71 -21.85
C VAL B 133 11.24 27.39 -20.56
N ASP B 134 10.67 26.98 -19.43
CA ASP B 134 10.96 27.62 -18.14
C ASP B 134 11.66 26.69 -17.14
N LEU B 135 11.70 25.40 -17.46
CA LEU B 135 12.32 24.41 -16.60
C LEU B 135 12.83 23.27 -17.46
N LEU B 136 14.01 22.75 -17.10
CA LEU B 136 14.54 21.55 -17.73
C LEU B 136 14.86 20.48 -16.69
N LYS B 137 14.27 19.31 -16.87
CA LYS B 137 14.68 18.10 -16.17
C LYS B 137 15.67 17.36 -17.07
N PHE B 138 16.87 17.15 -16.55
CA PHE B 138 17.98 16.62 -17.33
C PHE B 138 18.40 15.27 -16.74
N ALA B 139 18.03 14.20 -17.43
CA ALA B 139 18.21 12.83 -16.93
C ALA B 139 19.60 12.26 -17.25
N GLY B 140 19.98 11.19 -16.57
CA GLY B 140 21.36 10.68 -16.63
C GLY B 140 21.61 9.39 -17.39
N CYS B 141 20.62 8.91 -18.14
CA CYS B 141 20.74 7.64 -18.85
C CYS B 141 21.71 7.66 -20.02
N TYR B 142 22.27 6.49 -20.33
CA TYR B 142 23.12 6.28 -21.51
C TYR B 142 24.32 7.22 -21.58
N CYS B 143 24.98 7.38 -20.43
CA CYS B 143 26.21 8.14 -20.33
C CYS B 143 27.33 7.18 -19.96
N ASP B 144 28.31 7.04 -20.86
CA ASP B 144 29.31 5.97 -20.77
C ASP B 144 30.38 6.15 -19.68
N SER B 145 30.60 7.39 -19.24
CA SER B 145 31.63 7.67 -18.23
C SER B 145 31.20 8.72 -17.22
N LEU B 146 31.84 8.70 -16.06
CA LEU B 146 31.58 9.66 -14.98
C LEU B 146 32.08 11.06 -15.36
N GLU B 147 33.12 11.12 -16.17
CA GLU B 147 33.65 12.38 -16.67
C GLU B 147 32.65 13.05 -17.60
N ASN B 148 32.08 12.29 -18.52
CA ASN B 148 31.05 12.77 -19.43
C ASN B 148 29.78 13.17 -18.69
N LEU B 149 29.48 12.45 -17.60
CA LEU B 149 28.33 12.75 -16.74
C LEU B 149 28.49 14.13 -16.11
N ALA B 150 29.55 14.31 -15.33
CA ALA B 150 29.83 15.57 -14.65
C ALA B 150 29.96 16.75 -15.64
N ASP B 151 30.78 16.57 -16.67
CA ASP B 151 31.00 17.61 -17.69
C ASP B 151 29.71 17.97 -18.43
N GLY B 152 28.89 16.96 -18.71
CA GLY B 152 27.63 17.16 -19.42
C GLY B 152 26.64 18.01 -18.63
N TYR B 153 26.50 17.70 -17.34
CA TYR B 153 25.63 18.48 -16.46
C TYR B 153 26.12 19.93 -16.30
N LYS B 154 27.44 20.10 -16.21
CA LYS B 154 28.05 21.42 -16.14
C LYS B 154 27.86 22.22 -17.43
N HIS B 155 28.09 21.56 -18.57
CA HIS B 155 27.95 22.18 -19.88
C HIS B 155 26.53 22.69 -20.10
N MET B 156 25.55 21.83 -19.84
CA MET B 156 24.15 22.20 -20.02
C MET B 156 23.73 23.34 -19.08
N SER B 157 24.24 23.32 -17.85
CA SER B 157 23.99 24.40 -16.90
C SER B 157 24.43 25.76 -17.47
N LEU B 158 25.68 25.80 -17.94
CA LEU B 158 26.25 27.00 -18.54
C LEU B 158 25.57 27.38 -19.86
N ALA B 159 25.20 26.39 -20.65
CA ALA B 159 24.49 26.60 -21.92
C ALA B 159 23.12 27.25 -21.72
N LEU B 160 22.38 26.80 -20.71
CA LEU B 160 21.10 27.41 -20.36
C LEU B 160 21.29 28.85 -19.90
N ASN B 161 22.29 29.06 -19.03
CA ASN B 161 22.65 30.39 -18.56
C ASN B 161 22.94 31.36 -19.71
N ARG B 162 23.70 30.89 -20.69
CA ARG B 162 24.11 31.70 -21.86
C ARG B 162 22.94 32.19 -22.72
N THR B 163 21.82 31.47 -22.68
CA THR B 163 20.63 31.87 -23.45
C THR B 163 20.02 33.17 -22.93
N GLY B 164 20.29 33.50 -21.66
CA GLY B 164 19.74 34.69 -21.03
C GLY B 164 18.35 34.47 -20.45
N ARG B 165 17.75 33.32 -20.73
CA ARG B 165 16.44 32.99 -20.19
C ARG B 165 16.54 32.27 -18.84
N SER B 166 15.69 32.69 -17.91
CA SER B 166 15.56 32.04 -16.59
C SER B 166 14.93 30.67 -16.77
N ILE B 167 15.74 29.62 -16.54
CA ILE B 167 15.27 28.25 -16.67
C ILE B 167 15.67 27.45 -15.43
N VAL B 168 14.69 26.91 -14.71
CA VAL B 168 14.95 26.04 -13.57
C VAL B 168 15.67 24.79 -14.06
N TYR B 169 16.79 24.46 -13.44
CA TYR B 169 17.63 23.32 -13.86
C TYR B 169 17.57 22.17 -12.87
N SER B 170 16.96 21.07 -13.30
CA SER B 170 16.73 19.89 -12.49
C SER B 170 17.63 18.76 -12.97
N CYS B 171 18.47 18.24 -12.07
CA CYS B 171 19.55 17.31 -12.43
C CYS B 171 19.40 15.92 -11.80
N GLU B 172 19.83 14.89 -12.52
CA GLU B 172 19.91 13.55 -11.96
C GLU B 172 21.37 13.16 -11.72
N TRP B 173 22.21 14.18 -11.64
CA TRP B 173 23.67 14.05 -11.45
C TRP B 173 24.06 13.11 -10.29
N PRO B 174 23.66 13.43 -9.03
CA PRO B 174 24.10 12.57 -7.92
C PRO B 174 23.61 11.12 -8.02
N LEU B 175 22.37 10.94 -8.51
CA LEU B 175 21.78 9.62 -8.69
C LEU B 175 22.64 8.72 -9.58
N TYR B 176 23.09 9.26 -10.70
CA TYR B 176 23.91 8.49 -11.64
C TYR B 176 25.39 8.45 -11.25
N MET B 177 25.75 9.27 -10.28
CA MET B 177 27.10 9.27 -9.72
C MET B 177 27.24 8.18 -8.65
N TRP B 178 26.16 7.99 -7.90
CA TRP B 178 26.11 7.09 -6.74
C TRP B 178 26.64 5.67 -6.94
N PRO B 179 26.20 4.98 -8.02
CA PRO B 179 26.65 3.59 -8.21
C PRO B 179 28.17 3.44 -8.34
N PHE B 180 28.90 4.55 -8.36
CA PHE B 180 30.35 4.49 -8.51
C PHE B 180 31.12 5.15 -7.37
N GLN B 181 30.75 6.38 -7.02
CA GLN B 181 31.42 7.10 -5.94
C GLN B 181 30.49 8.14 -5.34
N LYS B 182 30.79 8.56 -4.11
CA LYS B 182 30.03 9.62 -3.46
C LYS B 182 30.11 10.91 -4.26
N PRO B 183 28.94 11.52 -4.56
CA PRO B 183 28.89 12.76 -5.32
C PRO B 183 29.47 13.94 -4.54
N ASN B 184 29.94 14.95 -5.26
CA ASN B 184 30.33 16.21 -4.65
C ASN B 184 29.16 17.19 -4.68
N TYR B 185 28.45 17.28 -3.56
CA TYR B 185 27.23 18.09 -3.49
C TYR B 185 27.46 19.60 -3.54
N THR B 186 28.64 20.04 -3.13
CA THR B 186 29.04 21.44 -3.28
C THR B 186 29.07 21.81 -4.76
N GLU B 187 29.64 20.92 -5.58
CA GLU B 187 29.70 21.12 -7.02
C GLU B 187 28.31 21.04 -7.65
N ILE B 188 27.54 20.03 -7.27
CA ILE B 188 26.18 19.87 -7.79
C ILE B 188 25.30 21.09 -7.50
N ARG B 189 25.39 21.60 -6.26
CA ARG B 189 24.66 22.81 -5.87
C ARG B 189 25.03 24.03 -6.73
N GLN B 190 26.31 24.13 -7.09
CA GLN B 190 26.77 25.23 -7.94
C GLN B 190 26.10 25.26 -9.30
N TYR B 191 25.75 24.09 -9.83
CA TYR B 191 25.25 23.97 -11.20
C TYR B 191 23.76 23.68 -11.34
N CYS B 192 23.11 23.21 -10.27
CA CYS B 192 21.73 22.73 -10.34
C CYS B 192 20.79 23.37 -9.31
N ASN B 193 19.54 23.62 -9.72
CA ASN B 193 18.47 24.10 -8.83
C ASN B 193 17.89 23.01 -7.93
N HIS B 194 17.78 21.80 -8.47
CA HIS B 194 17.52 20.61 -7.64
C HIS B 194 18.09 19.36 -8.28
N TRP B 195 18.27 18.33 -7.46
CA TRP B 195 18.98 17.14 -7.90
C TRP B 195 18.36 15.87 -7.35
N ARG B 196 18.14 14.90 -8.22
CA ARG B 196 17.63 13.59 -7.81
C ARG B 196 18.78 12.79 -7.20
N ASN B 197 18.56 12.28 -6.00
CA ASN B 197 19.55 11.50 -5.27
C ASN B 197 19.37 10.00 -5.41
N PHE B 198 18.12 9.58 -5.57
CA PHE B 198 17.77 8.19 -5.35
C PHE B 198 16.86 7.64 -6.43
N ALA B 199 16.67 6.32 -6.42
CA ALA B 199 15.87 5.61 -7.41
C ALA B 199 14.47 6.20 -7.57
N ASP B 200 13.92 6.06 -8.78
CA ASP B 200 12.59 6.54 -9.11
C ASP B 200 11.55 6.13 -8.09
N ILE B 201 10.64 7.04 -7.80
CA ILE B 201 9.48 6.70 -7.01
C ILE B 201 8.52 5.92 -7.91
N ASP B 202 7.67 5.10 -7.30
CA ASP B 202 6.54 4.55 -8.02
C ASP B 202 5.29 4.59 -7.15
N ASP B 203 4.22 3.95 -7.61
CA ASP B 203 2.92 4.01 -6.93
C ASP B 203 2.88 2.94 -5.84
N SER B 204 3.75 3.06 -4.84
CA SER B 204 3.83 2.08 -3.77
C SER B 204 4.40 2.67 -2.49
N TRP B 205 3.94 2.12 -1.38
CA TRP B 205 4.44 2.43 -0.05
C TRP B 205 5.89 1.97 0.10
N LYS B 206 6.21 0.83 -0.51
CA LYS B 206 7.58 0.33 -0.55
C LYS B 206 8.56 1.41 -1.03
N SER B 207 8.24 2.08 -2.13
CA SER B 207 9.13 3.10 -2.69
C SER B 207 9.25 4.33 -1.79
N ILE B 208 8.14 4.75 -1.18
CA ILE B 208 8.16 5.88 -0.22
C ILE B 208 9.10 5.57 0.96
N LYS B 209 8.93 4.39 1.57
CA LYS B 209 9.81 3.94 2.66
C LYS B 209 11.27 3.92 2.25
N SER B 210 11.56 3.40 1.06
CA SER B 210 12.93 3.28 0.58
C SER B 210 13.56 4.66 0.42
N ILE B 211 12.80 5.61 -0.10
CA ILE B 211 13.27 6.99 -0.27
C ILE B 211 13.54 7.65 1.07
N LEU B 212 12.62 7.50 2.02
CA LEU B 212 12.79 8.05 3.37
C LEU B 212 14.00 7.44 4.07
N ASP B 213 14.11 6.12 4.01
CA ASP B 213 15.20 5.40 4.67
C ASP B 213 16.55 5.73 4.07
N TRP B 214 16.58 5.89 2.75
CA TRP B 214 17.81 6.29 2.09
C TRP B 214 18.21 7.71 2.48
N THR B 215 17.24 8.60 2.53
CA THR B 215 17.45 10.00 2.91
C THR B 215 17.94 10.13 4.35
N SER B 216 17.24 9.48 5.29
CA SER B 216 17.63 9.54 6.70
C SER B 216 19.00 8.90 6.95
N PHE B 217 19.29 7.81 6.24
CA PHE B 217 20.59 7.16 6.33
C PHE B 217 21.71 8.09 5.86
N ASN B 218 21.46 8.82 4.79
CA ASN B 218 22.45 9.71 4.18
C ASN B 218 22.32 11.18 4.56
N GLN B 219 21.56 11.47 5.61
CA GLN B 219 21.20 12.86 5.91
C GLN B 219 22.39 13.77 6.25
N GLU B 220 23.41 13.20 6.88
CA GLU B 220 24.62 13.98 7.19
C GLU B 220 25.29 14.53 5.94
N ARG B 221 25.21 13.79 4.84
CA ARG B 221 25.80 14.21 3.57
C ARG B 221 24.99 15.28 2.85
N ILE B 222 23.66 15.20 2.94
CA ILE B 222 22.78 15.96 2.04
C ILE B 222 21.90 17.05 2.64
N VAL B 223 21.59 16.97 3.94
CA VAL B 223 20.62 17.91 4.52
C VAL B 223 21.11 19.36 4.47
N ASP B 224 22.34 19.59 4.92
CA ASP B 224 22.88 20.95 5.01
C ASP B 224 23.27 21.58 3.67
N VAL B 225 23.36 20.77 2.62
CA VAL B 225 23.65 21.32 1.29
C VAL B 225 22.42 22.02 0.69
N ALA B 226 21.23 21.57 1.08
CA ALA B 226 19.97 22.14 0.60
C ALA B 226 19.70 23.54 1.14
N GLY B 227 19.03 24.36 0.34
CA GLY B 227 18.74 25.74 0.70
C GLY B 227 18.20 26.51 -0.49
N PRO B 228 17.81 27.79 -0.28
CA PRO B 228 17.31 28.60 -1.39
C PRO B 228 18.23 28.53 -2.60
N GLY B 229 17.67 28.11 -3.74
CA GLY B 229 18.44 27.99 -4.98
C GLY B 229 18.86 26.57 -5.32
N GLY B 230 18.84 25.66 -4.33
CA GLY B 230 19.29 24.29 -4.54
C GLY B 230 18.75 23.29 -3.54
N TRP B 231 17.95 22.34 -4.04
CA TRP B 231 17.21 21.39 -3.19
C TRP B 231 17.51 19.93 -3.51
N ASN B 232 17.48 19.09 -2.47
CA ASN B 232 17.43 17.64 -2.66
C ASN B 232 16.07 17.25 -3.23
N ASP B 233 16.08 16.40 -4.26
CA ASP B 233 14.82 15.98 -4.92
C ASP B 233 14.57 14.48 -4.70
N PRO B 234 13.60 14.15 -3.82
CA PRO B 234 13.27 12.76 -3.51
C PRO B 234 12.21 12.19 -4.47
N ASP B 235 11.95 12.92 -5.55
CA ASP B 235 11.07 12.51 -6.65
C ASP B 235 9.59 12.90 -6.43
N MET B 236 8.74 12.51 -7.37
CA MET B 236 7.37 13.02 -7.50
C MET B 236 6.42 12.64 -6.37
N LEU B 237 5.45 13.52 -6.12
CA LEU B 237 4.30 13.18 -5.28
C LEU B 237 3.39 12.26 -6.08
N VAL B 238 3.00 11.14 -5.46
CA VAL B 238 2.19 10.14 -6.15
C VAL B 238 0.82 9.98 -5.49
N ILE B 239 0.49 10.94 -4.64
CA ILE B 239 -0.83 11.05 -4.02
C ILE B 239 -1.92 11.15 -5.08
N GLY B 240 -3.02 10.43 -4.88
CA GLY B 240 -4.17 10.51 -5.78
C GLY B 240 -4.19 9.45 -6.87
N ASN B 241 -3.24 8.52 -6.80
CA ASN B 241 -3.18 7.43 -7.77
C ASN B 241 -3.75 6.11 -7.23
N PHE B 242 -3.02 5.01 -7.33
CA PHE B 242 -3.63 3.67 -7.15
C PHE B 242 -3.05 2.80 -6.03
N GLY B 243 -1.82 3.07 -5.65
CA GLY B 243 -1.05 2.13 -4.83
C GLY B 243 -0.85 2.49 -3.38
N LEU B 244 -1.38 3.64 -2.97
CA LEU B 244 -1.21 4.13 -1.60
C LEU B 244 -2.51 4.20 -0.82
N SER B 245 -2.49 3.69 0.41
CA SER B 245 -3.60 3.88 1.34
C SER B 245 -3.62 5.35 1.74
N TRP B 246 -4.71 5.79 2.34
CA TRP B 246 -4.82 7.18 2.76
C TRP B 246 -3.68 7.56 3.70
N ASN B 247 -3.37 6.69 4.65
CA ASN B 247 -2.30 6.92 5.62
C ASN B 247 -0.93 7.10 4.97
N GLN B 248 -0.68 6.33 3.92
CA GLN B 248 0.57 6.40 3.17
C GLN B 248 0.71 7.70 2.37
N GLN B 249 -0.42 8.17 1.85
CA GLN B 249 -0.48 9.45 1.14
C GLN B 249 -0.20 10.62 2.09
N VAL B 250 -0.79 10.56 3.28
CA VAL B 250 -0.54 11.55 4.32
C VAL B 250 0.95 11.57 4.68
N THR B 251 1.53 10.38 4.81
CA THR B 251 2.96 10.26 5.10
C THR B 251 3.82 10.92 4.02
N GLN B 252 3.49 10.69 2.74
CA GLN B 252 4.27 11.32 1.69
C GLN B 252 4.18 12.85 1.74
N MET B 253 2.97 13.38 1.88
CA MET B 253 2.79 14.83 1.91
C MET B 253 3.54 15.45 3.10
N ALA B 254 3.39 14.84 4.27
CA ALA B 254 4.05 15.35 5.48
C ALA B 254 5.57 15.36 5.33
N LEU B 255 6.13 14.26 4.83
CA LEU B 255 7.59 14.14 4.78
C LEU B 255 8.22 14.93 3.65
N TRP B 256 7.53 15.09 2.53
CA TRP B 256 8.00 15.96 1.46
C TRP B 256 8.05 17.43 1.91
N ALA B 257 7.19 17.80 2.87
CA ALA B 257 7.23 19.13 3.47
C ALA B 257 8.44 19.27 4.42
N ILE B 258 8.60 18.27 5.29
CA ILE B 258 9.76 18.19 6.19
C ILE B 258 11.06 18.27 5.40
N MET B 259 11.12 17.58 4.26
CA MET B 259 12.35 17.46 3.49
C MET B 259 12.67 18.64 2.57
N ALA B 260 11.83 19.68 2.60
CA ALA B 260 11.96 20.81 1.67
C ALA B 260 12.15 20.30 0.24
N ALA B 261 11.28 19.38 -0.15
CA ALA B 261 11.34 18.75 -1.46
C ALA B 261 10.62 19.61 -2.48
N PRO B 262 11.15 19.65 -3.72
CA PRO B 262 10.30 20.13 -4.80
C PRO B 262 9.04 19.30 -4.80
N LEU B 263 7.90 19.94 -5.07
CA LEU B 263 6.63 19.24 -5.07
C LEU B 263 6.08 19.14 -6.48
N PHE B 264 6.45 18.06 -7.16
CA PHE B 264 5.93 17.78 -8.48
C PHE B 264 4.95 16.63 -8.37
N MET B 265 3.66 16.96 -8.50
CA MET B 265 2.62 15.94 -8.54
C MET B 265 2.70 15.18 -9.84
N SER B 266 2.45 13.87 -9.77
CA SER B 266 2.24 13.08 -10.97
C SER B 266 0.97 12.27 -10.77
N ASN B 267 -0.08 12.70 -11.45
CA ASN B 267 -1.41 12.15 -11.25
C ASN B 267 -2.28 12.59 -12.42
N ASP B 268 -3.54 12.17 -12.42
CA ASP B 268 -4.47 12.63 -13.44
C ASP B 268 -5.41 13.66 -12.83
N LEU B 269 -5.17 14.93 -13.14
CA LEU B 269 -5.95 16.03 -12.58
C LEU B 269 -7.42 16.01 -13.03
N ARG B 270 -7.70 15.26 -14.10
CA ARG B 270 -9.08 15.06 -14.57
C ARG B 270 -9.83 14.08 -13.69
N HIS B 271 -9.10 13.21 -12.99
CA HIS B 271 -9.70 12.13 -12.18
C HIS B 271 -8.96 12.02 -10.85
N ILE B 272 -9.25 12.93 -9.94
CA ILE B 272 -8.60 12.95 -8.64
C ILE B 272 -9.67 13.14 -7.57
N SER B 273 -9.58 12.36 -6.51
CA SER B 273 -10.58 12.41 -5.43
C SER B 273 -10.52 13.74 -4.70
N PRO B 274 -11.66 14.18 -4.12
CA PRO B 274 -11.65 15.40 -3.30
C PRO B 274 -10.66 15.31 -2.14
N GLN B 275 -10.53 14.12 -1.55
CA GLN B 275 -9.63 13.90 -0.42
C GLN B 275 -8.17 14.13 -0.82
N ALA B 276 -7.76 13.54 -1.94
CA ALA B 276 -6.40 13.69 -2.45
C ALA B 276 -6.12 15.13 -2.84
N LYS B 277 -7.11 15.76 -3.47
CA LYS B 277 -7.00 17.18 -3.83
C LYS B 277 -6.77 18.07 -2.59
N ALA B 278 -7.54 17.85 -1.54
CA ALA B 278 -7.44 18.67 -0.33
C ALA B 278 -6.09 18.52 0.38
N LEU B 279 -5.55 17.30 0.39
CA LEU B 279 -4.24 17.03 0.96
C LEU B 279 -3.12 17.70 0.17
N LEU B 280 -3.14 17.52 -1.16
CA LEU B 280 -2.14 18.12 -2.04
C LEU B 280 -2.19 19.65 -2.03
N GLN B 281 -3.37 20.19 -1.77
CA GLN B 281 -3.55 21.64 -1.73
C GLN B 281 -3.56 22.22 -0.31
N ASP B 282 -3.20 21.42 0.68
CA ASP B 282 -3.26 21.84 2.09
C ASP B 282 -2.35 23.05 2.31
N LYS B 283 -2.95 24.18 2.62
CA LYS B 283 -2.18 25.43 2.69
C LYS B 283 -1.14 25.45 3.81
N ASP B 284 -1.45 24.81 4.93
CA ASP B 284 -0.55 24.79 6.08
C ASP B 284 0.66 23.89 5.84
N VAL B 285 0.44 22.76 5.18
CA VAL B 285 1.52 21.84 4.86
C VAL B 285 2.42 22.42 3.77
N ILE B 286 1.79 23.03 2.76
CA ILE B 286 2.54 23.72 1.69
C ILE B 286 3.40 24.85 2.28
N ALA B 287 2.84 25.60 3.24
CA ALA B 287 3.58 26.68 3.90
C ALA B 287 4.87 26.18 4.58
N ILE B 288 4.80 24.99 5.19
CA ILE B 288 5.99 24.33 5.74
C ILE B 288 7.01 24.02 4.64
N ASN B 289 6.57 23.34 3.59
CA ASN B 289 7.45 23.03 2.47
C ASN B 289 8.09 24.30 1.90
N GLN B 290 7.29 25.35 1.79
CA GLN B 290 7.71 26.62 1.20
C GLN B 290 8.32 27.61 2.17
N ASP B 291 8.62 27.16 3.40
CA ASP B 291 9.15 28.07 4.43
C ASP B 291 10.37 28.83 3.91
N PRO B 292 10.36 30.18 4.04
CA PRO B 292 11.41 31.04 3.46
C PRO B 292 12.82 30.79 4.01
N LEU B 293 12.92 30.30 5.24
CA LEU B 293 14.23 29.96 5.81
C LEU B 293 14.94 28.92 4.93
N GLY B 294 14.17 27.98 4.39
CA GLY B 294 14.68 26.99 3.45
C GLY B 294 15.71 26.04 4.02
N LYS B 295 15.56 25.69 5.30
CA LYS B 295 16.41 24.70 5.95
C LYS B 295 15.72 23.35 5.88
N GLN B 296 16.38 22.38 5.25
CA GLN B 296 15.81 21.03 5.14
C GLN B 296 15.75 20.34 6.50
N GLY B 297 14.67 19.61 6.73
CA GLY B 297 14.52 18.81 7.95
C GLY B 297 15.36 17.55 7.94
N TYR B 298 15.19 16.72 8.97
CA TYR B 298 16.00 15.53 9.17
C TYR B 298 15.29 14.57 10.11
N GLN B 299 15.77 13.33 10.16
CA GLN B 299 15.29 12.36 11.13
C GLN B 299 15.97 12.63 12.46
N LEU B 300 15.17 12.87 13.51
CA LEU B 300 15.70 13.12 14.84
C LEU B 300 15.97 11.82 15.58
N ARG B 301 14.99 10.92 15.58
CA ARG B 301 15.17 9.63 16.23
C ARG B 301 14.35 8.52 15.58
N GLN B 302 14.71 7.29 15.92
CA GLN B 302 14.13 6.10 15.32
C GLN B 302 14.21 4.98 16.34
N GLY B 303 13.17 4.17 16.44
CA GLY B 303 13.15 3.04 17.37
C GLY B 303 11.74 2.63 17.74
N ASP B 304 11.56 1.34 18.04
CA ASP B 304 10.25 0.75 18.34
C ASP B 304 9.28 0.97 17.16
N ASN B 305 9.81 0.85 15.95
CA ASN B 305 9.07 1.12 14.71
C ASN B 305 8.35 2.46 14.66
N PHE B 306 8.93 3.45 15.33
CA PHE B 306 8.52 4.84 15.19
C PHE B 306 9.69 5.64 14.62
N GLU B 307 9.38 6.72 13.90
CA GLU B 307 10.37 7.68 13.47
C GLU B 307 9.91 9.07 13.83
N VAL B 308 10.83 9.90 14.32
CA VAL B 308 10.56 11.31 14.54
C VAL B 308 11.45 12.14 13.62
N TRP B 309 10.83 12.99 12.81
CA TRP B 309 11.56 13.93 11.96
C TRP B 309 11.17 15.34 12.39
N GLU B 310 12.07 16.30 12.15
CA GLU B 310 11.76 17.70 12.43
C GLU B 310 12.43 18.64 11.44
N ARG B 311 11.83 19.82 11.26
CA ARG B 311 12.37 20.84 10.38
C ARG B 311 12.29 22.21 11.04
N PRO B 312 13.43 22.93 11.11
CA PRO B 312 13.40 24.30 11.61
C PRO B 312 12.70 25.23 10.61
N LEU B 313 11.85 26.12 11.12
CA LEU B 313 11.11 27.05 10.28
C LEU B 313 11.46 28.49 10.68
N SER B 314 11.08 29.44 9.84
CA SER B 314 11.26 30.86 10.16
C SER B 314 10.44 31.23 11.39
N GLY B 315 10.85 32.28 12.08
CA GLY B 315 10.16 32.77 13.29
C GLY B 315 10.21 31.81 14.47
N LEU B 316 11.32 31.09 14.59
CA LEU B 316 11.57 30.15 15.70
C LEU B 316 10.52 29.03 15.83
N ALA B 317 9.87 28.70 14.73
CA ALA B 317 8.89 27.62 14.71
C ALA B 317 9.55 26.33 14.21
N TRP B 318 8.90 25.21 14.48
CA TRP B 318 9.35 23.90 14.04
C TRP B 318 8.20 23.07 13.50
N ALA B 319 8.49 22.27 12.48
CA ALA B 319 7.58 21.21 12.04
C ALA B 319 8.13 19.90 12.57
N VAL B 320 7.24 19.05 13.08
CA VAL B 320 7.63 17.75 13.63
C VAL B 320 6.73 16.68 13.01
N ALA B 321 7.34 15.62 12.48
CA ALA B 321 6.60 14.50 11.92
C ALA B 321 6.91 13.21 12.67
N MET B 322 5.85 12.47 13.00
CA MET B 322 5.97 11.20 13.70
C MET B 322 5.34 10.10 12.85
N ILE B 323 6.17 9.14 12.44
CA ILE B 323 5.75 8.07 11.55
C ILE B 323 5.65 6.75 12.31
N ASN B 324 4.52 6.05 12.13
CA ASN B 324 4.37 4.70 12.65
C ASN B 324 4.74 3.69 11.56
N ARG B 325 5.90 3.07 11.72
CA ARG B 325 6.42 2.13 10.72
C ARG B 325 6.03 0.67 11.00
N GLN B 326 5.26 0.45 12.07
CA GLN B 326 4.75 -0.89 12.37
C GLN B 326 3.52 -1.17 11.51
N GLU B 327 3.61 -2.16 10.64
CA GLU B 327 2.58 -2.40 9.61
C GLU B 327 1.60 -3.52 9.99
N ILE B 328 1.21 -3.51 11.27
CA ILE B 328 0.29 -4.49 11.82
C ILE B 328 -0.39 -3.84 13.04
N GLY B 329 -1.60 -4.27 13.35
CA GLY B 329 -2.32 -3.74 14.51
C GLY B 329 -3.07 -2.45 14.22
N GLY B 330 -3.22 -1.62 15.25
CA GLY B 330 -4.00 -0.40 15.15
C GLY B 330 -3.20 0.85 15.43
N PRO B 331 -3.89 1.99 15.62
CA PRO B 331 -3.21 3.23 15.97
C PRO B 331 -2.39 3.02 17.24
N ARG B 332 -1.14 3.46 17.22
CA ARG B 332 -0.20 3.16 18.28
C ARG B 332 0.23 4.46 18.96
N SER B 333 0.22 4.46 20.29
CA SER B 333 0.59 5.66 21.03
C SER B 333 2.10 5.86 21.06
N TYR B 334 2.53 7.09 20.82
CA TYR B 334 3.93 7.47 20.93
C TYR B 334 4.05 8.72 21.80
N THR B 335 4.95 8.67 22.77
CA THR B 335 5.17 9.78 23.69
C THR B 335 6.60 10.31 23.58
N ILE B 336 6.74 11.63 23.51
CA ILE B 336 8.05 12.26 23.48
C ILE B 336 8.11 13.49 24.39
N ALA B 337 9.26 13.68 25.03
CA ALA B 337 9.51 14.90 25.80
C ALA B 337 9.73 16.05 24.82
N VAL B 338 8.98 17.14 24.99
CA VAL B 338 9.07 18.29 24.08
C VAL B 338 10.42 18.98 24.13
N ALA B 339 11.15 18.77 25.22
CA ALA B 339 12.51 19.29 25.37
C ALA B 339 13.49 18.64 24.40
N SER B 340 13.11 17.49 23.83
CA SER B 340 13.94 16.79 22.86
C SER B 340 13.80 17.39 21.46
N LEU B 341 12.75 18.19 21.28
CA LEU B 341 12.42 18.73 19.97
C LEU B 341 13.10 20.08 19.71
N GLY B 342 13.40 20.34 18.44
CA GLY B 342 13.98 21.60 18.02
C GLY B 342 15.26 21.96 18.75
N LYS B 343 16.12 20.95 18.93
CA LYS B 343 17.40 21.11 19.63
C LYS B 343 17.22 21.67 21.05
N GLY B 344 16.05 21.42 21.64
CA GLY B 344 15.77 21.86 23.00
C GLY B 344 15.38 23.32 23.15
N VAL B 345 15.22 24.03 22.03
CA VAL B 345 14.82 25.43 22.09
C VAL B 345 13.37 25.67 21.64
N ALA B 346 12.83 24.73 20.87
CA ALA B 346 11.46 24.83 20.34
C ALA B 346 10.43 25.14 21.42
N CYS B 347 10.49 24.42 22.54
CA CYS B 347 9.48 24.56 23.59
C CYS B 347 10.05 25.10 24.91
N ASN B 348 11.08 25.93 24.81
CA ASN B 348 11.66 26.60 25.98
C ASN B 348 11.30 28.09 25.93
N PRO B 349 10.54 28.59 26.91
CA PRO B 349 9.98 27.93 28.10
C PRO B 349 8.73 27.09 27.83
N ALA B 350 8.11 27.31 26.68
CA ALA B 350 6.92 26.58 26.26
C ALA B 350 6.71 26.73 24.76
N CYS B 351 5.87 25.86 24.20
CA CYS B 351 5.44 25.98 22.82
C CYS B 351 3.94 25.74 22.70
N PHE B 352 3.32 26.34 21.68
CA PHE B 352 1.97 25.95 21.30
C PHE B 352 2.08 24.97 20.13
N ILE B 353 1.39 23.84 20.27
CA ILE B 353 1.44 22.78 19.27
C ILE B 353 0.10 22.65 18.53
N THR B 354 0.17 22.69 17.21
CA THR B 354 -0.99 22.49 16.35
C THR B 354 -0.72 21.26 15.50
N GLN B 355 -1.67 20.33 15.48
CA GLN B 355 -1.58 19.20 14.56
C GLN B 355 -2.11 19.63 13.21
N LEU B 356 -1.38 19.30 12.15
CA LEU B 356 -1.79 19.65 10.79
C LEU B 356 -2.28 18.43 10.01
N LEU B 357 -1.65 17.29 10.27
CA LEU B 357 -2.03 16.02 9.65
C LEU B 357 -2.07 14.89 10.69
N PRO B 358 -2.96 13.90 10.52
CA PRO B 358 -3.89 13.70 9.40
C PRO B 358 -5.09 14.65 9.37
N VAL B 359 -5.40 15.28 10.50
CA VAL B 359 -6.41 16.34 10.56
C VAL B 359 -5.85 17.54 11.30
N LYS B 360 -6.36 18.73 10.98
CA LYS B 360 -5.91 19.94 11.67
C LYS B 360 -6.62 20.08 13.01
N ARG B 361 -5.82 20.20 14.08
CA ARG B 361 -6.35 20.35 15.43
C ARG B 361 -5.34 21.02 16.35
N LYS B 362 -5.78 22.06 17.04
CA LYS B 362 -4.93 22.70 18.05
C LYS B 362 -4.80 21.76 19.24
N LEU B 363 -3.56 21.54 19.69
CA LEU B 363 -3.30 20.61 20.80
C LEU B 363 -3.10 21.31 22.14
N GLY B 364 -2.60 22.55 22.11
CA GLY B 364 -2.45 23.36 23.32
C GLY B 364 -1.03 23.77 23.62
N PHE B 365 -0.84 24.39 24.79
CA PHE B 365 0.47 24.81 25.27
C PHE B 365 1.17 23.68 26.02
N TYR B 366 2.46 23.53 25.74
CA TYR B 366 3.29 22.50 26.36
C TYR B 366 4.53 23.14 26.99
N GLU B 367 4.69 22.98 28.29
CA GLU B 367 5.88 23.49 29.01
C GLU B 367 7.10 22.70 28.57
N TRP B 368 8.29 23.28 28.77
CA TRP B 368 9.55 22.65 28.39
C TRP B 368 9.74 21.25 29.01
N THR B 369 9.23 21.06 30.21
CA THR B 369 9.39 19.79 30.94
C THR B 369 8.31 18.75 30.63
N SER B 370 7.35 19.10 29.77
CA SER B 370 6.21 18.23 29.51
C SER B 370 6.45 17.19 28.43
N ARG B 371 5.54 16.23 28.35
CA ARG B 371 5.57 15.21 27.32
C ARG B 371 4.35 15.33 26.40
N LEU B 372 4.57 15.02 25.13
CA LEU B 372 3.51 15.03 24.14
C LEU B 372 3.20 13.59 23.72
N ARG B 373 1.92 13.23 23.79
CA ARG B 373 1.46 11.90 23.42
C ARG B 373 0.59 11.97 22.17
N SER B 374 0.91 11.13 21.18
CA SER B 374 0.12 11.02 19.95
C SER B 374 -0.18 9.57 19.61
N HIS B 375 -1.34 9.35 19.00
CA HIS B 375 -1.70 8.05 18.43
C HIS B 375 -1.53 8.14 16.92
N ILE B 376 -0.80 7.18 16.34
CA ILE B 376 -0.46 7.23 14.92
C ILE B 376 -0.85 5.91 14.24
N ASN B 377 -1.62 6.04 13.15
CA ASN B 377 -2.02 4.88 12.35
C ASN B 377 -0.81 4.17 11.74
N PRO B 378 -0.90 2.83 11.56
CA PRO B 378 0.13 2.08 10.83
C PRO B 378 0.36 2.67 9.44
N THR B 379 1.63 2.95 9.14
CA THR B 379 2.10 3.60 7.90
C THR B 379 1.68 5.07 7.76
N GLY B 380 0.98 5.58 8.77
CA GLY B 380 0.56 6.98 8.82
C GLY B 380 1.58 7.88 9.49
N THR B 381 1.32 9.18 9.43
CA THR B 381 2.18 10.21 10.02
C THR B 381 1.31 11.26 10.70
N VAL B 382 1.75 11.69 11.89
CA VAL B 382 1.21 12.86 12.53
C VAL B 382 2.18 14.02 12.29
N LEU B 383 1.69 15.09 11.67
CA LEU B 383 2.49 16.28 11.42
C LEU B 383 2.05 17.41 12.35
N LEU B 384 3.02 17.98 13.06
CA LEU B 384 2.77 19.06 14.02
C LEU B 384 3.54 20.30 13.65
N GLN B 385 3.00 21.46 14.02
CA GLN B 385 3.77 22.69 14.00
C GLN B 385 3.87 23.22 15.42
N LEU B 386 5.09 23.57 15.80
CA LEU B 386 5.39 24.09 17.14
C LEU B 386 5.73 25.56 17.03
N GLU B 387 5.11 26.37 17.88
CA GLU B 387 5.39 27.79 17.95
C GLU B 387 5.89 28.10 19.36
N ASN B 388 7.09 28.67 19.45
CA ASN B 388 7.66 29.07 20.72
C ASN B 388 6.89 30.25 21.33
N THR B 389 6.56 30.13 22.63
CA THR B 389 5.71 31.12 23.29
C THR B 389 6.36 32.50 23.47
N MET B 390 7.69 32.54 23.50
CA MET B 390 8.43 33.81 23.51
C MET B 390 8.12 34.60 22.25
N GLN B 391 8.14 33.91 21.12
CA GLN B 391 7.83 34.50 19.81
C GLN B 391 6.38 34.95 19.73
N MET B 392 5.48 34.20 20.37
CA MET B 392 4.05 34.51 20.39
C MET B 392 3.72 35.80 21.16
N SER B 393 4.41 36.01 22.27
CA SER B 393 4.20 37.18 23.12
C SER B 393 4.77 38.46 22.51
N LEU B 394 5.81 38.30 21.69
CA LEU B 394 6.45 39.44 21.01
C LEU B 394 5.59 40.00 19.89
C1 NAG C . -15.46 -37.84 14.82
C2 NAG C . -16.57 -36.90 14.33
C3 NAG C . -17.59 -37.62 13.44
C4 NAG C . -16.91 -38.49 12.37
C5 NAG C . -15.85 -39.36 13.05
C6 NAG C . -15.11 -40.29 12.07
C7 NAG C . -17.07 -35.01 15.80
C8 NAG C . -18.00 -34.46 16.84
N2 NAG C . -17.27 -36.28 15.44
O3 NAG C . -18.45 -36.69 12.84
O4 NAG C . -17.86 -39.30 11.73
O5 NAG C . -14.91 -38.56 13.74
O6 NAG C . -14.39 -39.51 11.13
O7 NAG C . -16.18 -34.31 15.32
C1 NAG C . -18.13 -38.86 10.38
C2 NAG C . -18.61 -40.07 9.55
C3 NAG C . -19.12 -39.66 8.17
C4 NAG C . -20.06 -38.45 8.23
C5 NAG C . -19.39 -37.34 9.05
C6 NAG C . -20.22 -36.07 9.14
C7 NAG C . -17.47 -42.19 10.05
C8 NAG C . -16.41 -43.14 9.58
N2 NAG C . -17.52 -41.02 9.40
O3 NAG C . -19.79 -40.75 7.58
O4 NAG C . -20.34 -38.02 6.92
O5 NAG C . -19.11 -37.84 10.35
O6 NAG C . -21.33 -36.27 9.98
O7 NAG C . -18.21 -42.51 10.97
C1 BMA C . -21.74 -38.14 6.62
C2 BMA C . -22.12 -37.13 5.54
C3 BMA C . -23.61 -37.20 5.24
C4 BMA C . -24.06 -38.64 4.93
C5 BMA C . -23.55 -39.61 6.01
C6 BMA C . -23.83 -41.07 5.63
O2 BMA C . -21.36 -37.40 4.36
O3 BMA C . -23.97 -36.34 4.14
O4 BMA C . -25.48 -38.67 4.86
O5 BMA C . -22.13 -39.46 6.22
O6 BMA C . -22.89 -41.50 4.63
C1 MAN C . -23.87 -34.96 4.53
C2 MAN C . -25.25 -34.35 4.84
C3 MAN C . -26.01 -33.92 3.59
C4 MAN C . -25.12 -33.26 2.53
C5 MAN C . -23.82 -34.04 2.34
C6 MAN C . -22.89 -33.35 1.35
O2 MAN C . -25.08 -33.25 5.71
O3 MAN C . -27.06 -33.04 3.94
O4 MAN C . -25.84 -33.19 1.31
O5 MAN C . -23.16 -34.18 3.59
O6 MAN C . -21.67 -34.07 1.30
C1 NAG D . 0.77 -39.29 3.61
C2 NAG D . 1.52 -40.49 3.04
C3 NAG D . 0.59 -41.63 2.64
C4 NAG D . -0.49 -41.91 3.68
C5 NAG D . -1.14 -40.60 4.15
C6 NAG D . -2.18 -40.80 5.26
C7 NAG D . 3.64 -40.03 1.94
C8 NAG D . 4.35 -39.90 0.62
N2 NAG D . 2.31 -40.10 1.89
O3 NAG D . 1.35 -42.81 2.40
O4 NAG D . -1.43 -42.79 3.10
O5 NAG D . -0.13 -39.71 4.61
O6 NAG D . -1.54 -41.13 6.48
O7 NAG D . 4.29 -40.04 2.99
C1 NAG D . -1.64 -43.96 3.91
C2 NAG D . -2.93 -44.65 3.44
C3 NAG D . -3.18 -45.97 4.17
C4 NAG D . -1.91 -46.80 4.38
C5 NAG D . -0.71 -45.94 4.80
C6 NAG D . 0.57 -46.77 4.82
C7 NAG D . -4.50 -42.99 2.58
C8 NAG D . -5.82 -42.30 2.79
N2 NAG D . -4.06 -43.75 3.57
O3 NAG D . -4.11 -46.72 3.42
O4 NAG D . -2.16 -47.77 5.37
O5 NAG D . -0.56 -44.87 3.90
O6 NAG D . 1.63 -45.96 5.30
O7 NAG D . -3.90 -42.82 1.51
C1 GLC E . 5.40 -14.24 13.48
C2 GLC E . 4.85 -12.82 13.65
C3 GLC E . 4.52 -12.51 15.11
C4 GLC E . 3.80 -13.65 15.83
C5 GLC E . 4.33 -15.05 15.45
C6 GLC E . 3.37 -16.14 15.91
O1 GLC E . 6.70 -14.33 14.05
O2 GLC E . 5.77 -11.88 13.15
O3 GLC E . 3.72 -11.35 15.17
O4 GLC E . 3.93 -13.46 17.21
O5 GLC E . 4.52 -15.18 14.05
O6 GLC E . 2.20 -16.10 15.12
C1 GLA E . 1.20 -17.04 15.56
C2 GLA E . 0.14 -17.16 14.49
C3 GLA E . -0.62 -15.83 14.34
C4 GLA E . -1.21 -15.41 15.68
C5 GLA E . -0.13 -15.43 16.78
C6 GLA E . -0.73 -15.15 18.15
O2 GLA E . 0.70 -17.56 13.23
O3 GLA E . -1.66 -15.98 13.36
O4 GLA E . -2.29 -16.29 16.03
O5 GLA E . 0.57 -16.69 16.81
O6 GLA E . 0.33 -14.99 19.12
C1 NAG F . 23.86 33.16 -15.25
C2 NAG F . 22.52 33.63 -14.67
C3 NAG F . 22.69 34.83 -13.75
C4 NAG F . 23.84 34.65 -12.76
C5 NAG F . 25.09 34.16 -13.49
C6 NAG F . 26.28 33.93 -12.57
C7 NAG F . 20.51 33.21 -16.02
C8 NAG F . 19.64 33.69 -17.15
N2 NAG F . 21.58 33.96 -15.74
O3 NAG F . 21.49 35.08 -13.07
O4 NAG F . 24.12 35.91 -12.15
O5 NAG F . 24.80 32.97 -14.21
O6 NAG F . 26.17 32.68 -11.92
O7 NAG F . 20.22 32.18 -15.41
C1 NAG F . 23.72 35.94 -10.77
C2 NAG F . 24.58 36.99 -10.07
C3 NAG F . 24.08 37.36 -8.67
C4 NAG F . 22.56 37.47 -8.58
C5 NAG F . 21.90 36.29 -9.29
C6 NAG F . 20.37 36.35 -9.28
C7 NAG F . 26.95 37.08 -10.71
C8 NAG F . 28.31 36.48 -10.53
N2 NAG F . 25.96 36.54 -9.98
O3 NAG F . 24.66 38.58 -8.28
O4 NAG F . 22.21 37.52 -7.22
O5 NAG F . 22.34 36.24 -10.63
O6 NAG F . 19.91 37.41 -10.08
O7 NAG F . 26.78 38.02 -11.49
C1 BMA F . 21.50 38.73 -6.87
C2 BMA F . 20.84 38.52 -5.52
C3 BMA F . 20.12 39.76 -4.97
C4 BMA F . 20.87 41.07 -5.25
C5 BMA F . 21.58 41.09 -6.62
C6 BMA F . 22.50 42.31 -6.76
O2 BMA F . 21.81 38.07 -4.57
O3 BMA F . 19.98 39.65 -3.54
O4 BMA F . 19.94 42.15 -5.19
O5 BMA F . 22.33 39.89 -6.82
O6 BMA F . 23.70 42.12 -6.00
C1 MAN F . 18.75 39.04 -3.01
C2 MAN F . 18.65 37.52 -3.27
C3 MAN F . 17.66 37.20 -4.39
C4 MAN F . 16.33 37.92 -4.16
C5 MAN F . 16.53 39.43 -4.07
C6 MAN F . 15.26 40.12 -3.61
O2 MAN F . 18.29 36.84 -2.09
O3 MAN F . 17.46 35.81 -4.48
O4 MAN F . 15.46 37.62 -5.23
O5 MAN F . 17.55 39.81 -3.17
O6 MAN F . 14.60 40.70 -4.71
C1 GLC G . 14.43 3.07 -13.58
C2 GLC G . 12.92 2.90 -13.44
C3 GLC G . 12.18 3.06 -14.78
C4 GLC G . 12.65 4.29 -15.55
C5 GLC G . 14.18 4.45 -15.54
C6 GLC G . 14.61 5.82 -16.06
O1 GLC G . 15.00 1.99 -14.28
O2 GLC G . 12.63 1.64 -12.87
O3 GLC G . 10.79 3.15 -14.55
O4 GLC G . 12.17 4.19 -16.87
O5 GLC G . 14.71 4.30 -14.24
O6 GLC G . 14.16 6.82 -15.17
C1 GLA G . 14.49 8.15 -15.64
C2 GLA G . 14.10 9.18 -14.58
C3 GLA G . 12.59 9.20 -14.41
C4 GLA G . 11.92 9.49 -15.76
C5 GLA G . 12.43 8.52 -16.84
C6 GLA G . 11.92 8.87 -18.22
O2 GLA G . 14.74 8.89 -13.33
O3 GLA G . 12.23 10.19 -13.44
O4 GLA G . 12.19 10.85 -16.13
O5 GLA G . 13.86 8.51 -16.88
O6 GLA G . 12.32 7.88 -19.17
C1 NAG H . 7.67 -29.00 26.71
C2 NAG H . 8.02 -29.97 25.56
C3 NAG H . 8.41 -31.35 26.10
C4 NAG H . 9.50 -31.21 27.18
C5 NAG H . 9.05 -30.22 28.24
C6 NAG H . 10.10 -30.04 29.33
C7 NAG H . 6.94 -29.69 23.40
C8 NAG H . 5.84 -30.19 22.50
N2 NAG H . 6.89 -30.09 24.66
O3 NAG H . 8.85 -32.17 25.05
O4 NAG H . 9.75 -32.48 27.73
O5 NAG H . 8.73 -28.96 27.66
O6 NAG H . 11.21 -29.31 28.84
O7 NAG H . 7.80 -28.93 22.96
O1 2PE I . 8.15 -10.23 2.40
C2 2PE I . 6.83 -9.70 2.57
C3 2PE I . 6.35 -9.91 4.00
O4 2PE I . 5.23 -10.80 3.99
C5 2PE I . 5.10 -11.49 5.23
C6 2PE I . 3.80 -12.28 5.25
O7 2PE I . 3.61 -13.00 4.03
C8 2PE I . 4.47 -14.13 3.93
C9 2PE I . 3.86 -15.21 3.04
O10 2PE I . 4.87 -16.12 2.59
C11 2PE I . 5.56 -16.74 3.66
C12 2PE I . 6.20 -18.05 3.24
O13 2PE I . 6.93 -18.57 4.36
C14 2PE I . 6.21 -19.55 5.10
C15 2PE I . 6.91 -19.80 6.43
O16 2PE I . 7.35 -18.57 7.00
C17 2PE I . 7.39 -18.63 8.43
C18 2PE I . 8.79 -18.24 8.91
O19 2PE I . 9.16 -16.98 8.35
O1 2PE J . -3.42 -12.69 31.20
C2 2PE J . -2.30 -12.09 31.86
C3 2PE J . -1.93 -10.75 31.24
O4 2PE J . -3.04 -9.86 31.29
C5 2PE J . -2.70 -8.59 31.85
C6 2PE J . -3.95 -7.79 32.11
O7 2PE J . -4.91 -8.61 32.79
O1 2PE K . -2.34 -24.42 -15.07
C2 2PE K . -2.09 -24.62 -13.68
C3 2PE K . -2.95 -25.77 -13.16
O4 2PE K . -2.39 -26.27 -11.95
C5 2PE K . -2.73 -27.64 -11.74
C6 2PE K . -2.77 -27.96 -10.25
O7 2PE K . -3.36 -26.87 -9.55
O1 2PE L . -7.16 3.96 -2.45
C2 2PE L . -7.87 4.43 -1.31
C3 2PE L . -6.95 4.44 -0.11
O4 2PE L . -7.50 3.66 0.96
C5 2PE L . -7.58 4.40 2.17
C6 2PE L . -7.60 3.47 3.36
O7 2PE L . -6.56 3.82 4.28
O1 2PE M . 12.75 2.58 -8.43
C2 2PE M . 11.60 1.72 -8.38
C3 2PE M . 10.48 2.37 -9.19
O4 2PE M . 10.81 2.34 -10.58
C5 2PE M . 9.66 2.14 -11.40
C6 2PE M . 9.53 0.68 -11.81
O7 2PE M . 8.16 0.32 -11.88
C8 2PE M . 7.76 -0.59 -10.86
C9 2PE M . 6.77 -1.59 -11.45
O10 2PE M . 6.48 -2.61 -10.50
C11 2PE M . 6.48 -3.90 -11.10
C12 2PE M . 7.34 -4.85 -10.29
O13 2PE M . 6.50 -5.60 -9.41
C1 NAG N . 27.89 8.44 -27.22
C2 NAG N . 28.94 8.55 -26.10
C3 NAG N . 30.33 8.87 -26.68
C4 NAG N . 30.68 7.94 -27.85
C5 NAG N . 29.53 7.87 -28.86
C6 NAG N . 29.82 6.86 -29.96
C7 NAG N . 28.16 9.29 -23.90
C8 NAG N . 28.15 10.43 -22.93
N2 NAG N . 28.56 9.57 -25.14
O3 NAG N . 31.29 8.74 -25.65
O4 NAG N . 31.86 8.42 -28.48
O5 NAG N . 28.33 7.51 -28.20
O6 NAG N . 29.75 5.55 -29.45
O7 NAG N . 27.82 8.16 -23.54
C1 NAG O . 33.70 19.70 -4.63
C2 NAG O . 34.93 19.64 -3.71
C3 NAG O . 35.61 20.99 -3.55
C4 NAG O . 35.76 21.75 -4.88
C5 NAG O . 34.46 21.70 -5.67
C6 NAG O . 34.61 22.37 -7.04
C7 NAG O . 35.28 18.24 -1.73
C8 NAG O . 35.37 18.44 -0.25
N2 NAG O . 34.55 19.13 -2.41
O3 NAG O . 36.89 20.79 -2.98
O4 NAG O . 36.14 23.08 -4.61
O5 NAG O . 34.04 20.37 -5.85
O6 NAG O . 33.44 23.08 -7.36
O7 NAG O . 35.87 17.30 -2.27
#